data_4E0R
#
_entry.id   4E0R
#
_cell.length_a   166.196
_cell.length_b   40.286
_cell.length_c   131.585
_cell.angle_alpha   90.00
_cell.angle_beta   119.71
_cell.angle_gamma   90.00
#
_symmetry.space_group_name_H-M   'C 1 2 1'
#
loop_
_entity.id
_entity.type
_entity.pdbx_description
1 polymer 'MHC class I alpha chain 2'
2 polymer 'Beta-2 microglobulin'
3 polymer '8-MERIC PEPTIDE (FUS/TLS)'
4 water water
#
loop_
_entity_poly.entity_id
_entity_poly.type
_entity_poly.pdbx_seq_one_letter_code
_entity_poly.pdbx_strand_id
1 'polypeptide(L)'
;MEFELHTLRYIRTAMTDPGPGQPWFVTVGYVDGELFVHYNSTARRYVPRTEWIAANTDQQYWDGQTQIGQLNEQINRENL
GIRQRRYNQTGGSHTVQWMFGCDILEDGTIRGYRQSAYDGRDFIALDKDMKTFTAAVPEAVPTKRKWEEESEPERWKNYL
EETCVEWLRRYVEYGKAELGRRERPEVRVWGKEADGILTLSCRAHGFYPRPIVVSWLKDGAVRGQDAHSGGIVPNGDGTY
HTWVTIEAQPGDGDKYQCRVEHASLPQPGLYSWKL
;
A,D
2 'polypeptide(L)'
;MEFDLTPKVQVYSRFPASAGTKNVLNCFAAGFHPPKISITLMKDGVPMEGAQYSDMSFNDDWTFQRLVHADFTPSSGSTY
ACKVEHETLKEPQVYKWDPEF
;
B,E
3 'polypeptide(L)' IDWFDGKE C,F
#
# COMPACT_ATOMS: atom_id res chain seq x y z
N GLU A 4 15.79 21.99 -8.57
CA GLU A 4 14.93 20.82 -8.38
C GLU A 4 13.46 21.21 -8.47
N LEU A 5 12.85 21.41 -7.30
CA LEU A 5 11.40 21.57 -7.21
C LEU A 5 10.30 20.67 -7.76
N HIS A 6 10.41 19.38 -7.47
CA HIS A 6 9.38 18.43 -7.81
C HIS A 6 8.08 18.40 -7.03
N THR A 7 7.00 18.00 -7.70
CA THR A 7 5.69 17.99 -7.05
C THR A 7 4.91 16.71 -7.30
N LEU A 8 4.13 16.34 -6.30
CA LEU A 8 3.20 15.24 -6.40
C LEU A 8 1.84 15.74 -5.94
N ARG A 9 0.83 15.59 -6.78
CA ARG A 9 -0.50 16.07 -6.47
C ARG A 9 -1.55 15.04 -6.83
N TYR A 10 -2.51 14.86 -5.94
CA TYR A 10 -3.70 14.09 -6.23
C TYR A 10 -4.91 15.01 -6.11
N ILE A 11 -5.83 14.89 -7.06
CA ILE A 11 -7.06 15.66 -6.99
C ILE A 11 -8.27 14.75 -7.19
N ARG A 12 -9.19 14.80 -6.23
CA ARG A 12 -10.36 13.95 -6.25
C ARG A 12 -11.58 14.77 -6.58
N THR A 13 -12.44 14.22 -7.44
CA THR A 13 -13.73 14.82 -7.70
C THR A 13 -14.82 13.78 -7.42
N ALA A 14 -15.81 14.17 -6.62
CA ALA A 14 -16.96 13.32 -6.35
C ALA A 14 -18.22 14.15 -6.60
N MET A 15 -19.03 13.73 -7.56
CA MET A 15 -20.16 14.53 -7.99
C MET A 15 -21.46 13.75 -8.02
N THR A 16 -22.57 14.44 -7.80
CA THR A 16 -23.88 13.84 -7.88
C THR A 16 -24.34 13.86 -9.33
N ASP A 17 -23.73 14.73 -10.12
CA ASP A 17 -24.19 14.99 -11.49
C ASP A 17 -23.02 15.11 -12.47
N PRO A 18 -22.44 13.95 -12.87
CA PRO A 18 -21.26 13.82 -13.74
C PRO A 18 -21.33 14.45 -15.14
N GLY A 19 -22.28 14.11 -16.01
CA GLY A 19 -23.29 13.09 -15.77
C GLY A 19 -23.30 11.99 -16.82
N PRO A 20 -23.88 12.28 -18.00
CA PRO A 20 -24.16 11.23 -19.01
C PRO A 20 -22.91 10.54 -19.54
N GLY A 21 -22.79 9.25 -19.23
CA GLY A 21 -21.66 8.45 -19.69
C GLY A 21 -20.37 8.79 -18.97
N GLN A 22 -20.49 9.55 -17.87
CA GLN A 22 -19.33 10.02 -17.13
C GLN A 22 -19.30 9.45 -15.71
N PRO A 23 -18.10 9.17 -15.21
CA PRO A 23 -17.94 8.60 -13.86
C PRO A 23 -18.18 9.65 -12.79
N TRP A 24 -18.95 9.30 -11.76
CA TRP A 24 -19.25 10.23 -10.68
C TRP A 24 -18.04 10.46 -9.76
N PHE A 25 -17.10 9.52 -9.76
CA PHE A 25 -15.92 9.63 -8.91
C PHE A 25 -14.62 9.47 -9.71
N VAL A 26 -13.71 10.44 -9.54
CA VAL A 26 -12.43 10.43 -10.25
C VAL A 26 -11.27 10.84 -9.33
N THR A 27 -10.13 10.20 -9.50
CA THR A 27 -8.89 10.68 -8.89
C THR A 27 -7.78 10.61 -9.92
N VAL A 28 -7.08 11.71 -10.11
CA VAL A 28 -5.92 11.73 -11.01
C VAL A 28 -4.70 12.26 -10.26
N GLY A 29 -3.54 11.68 -10.57
CA GLY A 29 -2.30 12.09 -9.93
C GLY A 29 -1.34 12.75 -10.91
N TYR A 30 -0.64 13.77 -10.41
CA TYR A 30 0.30 14.53 -11.23
C TYR A 30 1.68 14.61 -10.59
N VAL A 31 2.71 14.36 -11.38
CA VAL A 31 4.09 14.56 -10.95
C VAL A 31 4.75 15.68 -11.77
N ASP A 32 5.22 16.72 -11.08
CA ASP A 32 5.77 17.90 -11.75
C ASP A 32 4.81 18.46 -12.78
N GLY A 33 3.51 18.42 -12.48
CA GLY A 33 2.51 19.01 -13.34
C GLY A 33 2.08 18.14 -14.52
N GLU A 34 2.49 16.88 -14.50
CA GLU A 34 2.14 15.96 -15.59
C GLU A 34 1.34 14.76 -15.09
N LEU A 35 0.22 14.49 -15.74
CA LEU A 35 -0.63 13.36 -15.39
C LEU A 35 0.16 12.04 -15.47
N PHE A 36 0.13 11.24 -14.41
CA PHE A 36 0.82 9.95 -14.44
C PHE A 36 -0.03 8.77 -13.97
N VAL A 37 -1.05 9.03 -13.16
CA VAL A 37 -2.01 7.98 -12.80
C VAL A 37 -3.45 8.48 -12.89
N HIS A 38 -4.38 7.54 -13.07
CA HIS A 38 -5.80 7.86 -13.20
C HIS A 38 -6.69 6.77 -12.64
N TYR A 39 -7.73 7.16 -11.92
CA TYR A 39 -8.74 6.24 -11.42
C TYR A 39 -10.12 6.90 -11.54
N ASN A 40 -11.11 6.10 -11.94
CA ASN A 40 -12.49 6.56 -11.92
C ASN A 40 -13.45 5.41 -11.59
N SER A 41 -14.67 5.77 -11.19
CA SER A 41 -15.63 4.80 -10.68
C SER A 41 -16.21 3.87 -11.75
N THR A 42 -16.02 4.21 -13.01
CA THR A 42 -16.45 3.33 -14.09
C THR A 42 -15.40 2.24 -14.35
N ALA A 43 -14.15 2.66 -14.46
CA ALA A 43 -13.05 1.72 -14.66
C ALA A 43 -12.86 0.81 -13.44
N ARG A 44 -12.95 1.41 -12.25
CA ARG A 44 -12.74 0.69 -11.00
C ARG A 44 -11.30 0.19 -10.89
N ARG A 45 -10.40 0.85 -11.61
CA ARG A 45 -9.01 0.45 -11.65
C ARG A 45 -8.12 1.69 -11.69
N TYR A 46 -7.01 1.65 -10.97
CA TYR A 46 -5.98 2.65 -11.16
C TYR A 46 -5.16 2.27 -12.39
N VAL A 47 -4.82 3.28 -13.18
CA VAL A 47 -4.21 3.06 -14.48
C VAL A 47 -3.06 4.03 -14.72
N PRO A 48 -1.92 3.52 -15.23
CA PRO A 48 -0.77 4.36 -15.56
C PRO A 48 -1.08 5.29 -16.72
N ARG A 49 -0.48 6.48 -16.72
CA ARG A 49 -0.72 7.43 -17.80
C ARG A 49 0.60 7.92 -18.40
N THR A 50 1.71 7.41 -17.88
CA THR A 50 3.02 7.62 -18.48
C THR A 50 3.73 6.28 -18.60
N GLU A 51 4.63 6.17 -19.56
CA GLU A 51 5.37 4.94 -19.77
C GLU A 51 6.31 4.67 -18.59
N TRP A 52 6.83 5.73 -17.99
CA TRP A 52 7.82 5.56 -16.92
C TRP A 52 7.22 5.04 -15.61
N ILE A 53 5.97 5.38 -15.31
CA ILE A 53 5.33 4.82 -14.12
C ILE A 53 4.99 3.35 -14.34
N ALA A 54 4.54 3.01 -15.54
CA ALA A 54 4.19 1.63 -15.88
C ALA A 54 5.42 0.73 -15.86
N ALA A 55 6.55 1.27 -16.29
CA ALA A 55 7.78 0.50 -16.42
C ALA A 55 8.50 0.27 -15.09
N ASN A 56 8.18 1.08 -14.09
CA ASN A 56 8.91 1.03 -12.83
C ASN A 56 8.08 0.63 -11.60
N THR A 57 6.97 -0.06 -11.84
CA THR A 57 6.14 -0.57 -10.75
C THR A 57 5.71 -2.01 -11.00
N ASP A 58 5.38 -2.73 -9.93
CA ASP A 58 4.91 -4.10 -10.08
C ASP A 58 3.39 -4.20 -9.89
N GLN A 59 2.85 -5.40 -10.08
CA GLN A 59 1.41 -5.60 -10.07
C GLN A 59 0.76 -5.15 -8.76
N GLN A 60 1.45 -5.34 -7.64
CA GLN A 60 0.89 -5.00 -6.34
C GLN A 60 0.74 -3.49 -6.17
N TYR A 61 1.47 -2.72 -6.98
CA TYR A 61 1.32 -1.27 -6.95
C TYR A 61 -0.05 -0.90 -7.51
N TRP A 62 -0.41 -1.48 -8.64
CA TRP A 62 -1.68 -1.19 -9.28
C TRP A 62 -2.88 -1.82 -8.56
N ASP A 63 -2.69 -3.04 -8.05
CA ASP A 63 -3.76 -3.72 -7.31
C ASP A 63 -4.08 -2.99 -6.01
N GLY A 64 -3.05 -2.54 -5.31
CA GLY A 64 -3.23 -1.79 -4.07
C GLY A 64 -3.86 -0.44 -4.31
N GLN A 65 -3.34 0.30 -5.30
CA GLN A 65 -3.87 1.62 -5.61
C GLN A 65 -5.31 1.51 -6.09
N THR A 66 -5.59 0.51 -6.91
CA THR A 66 -6.96 0.23 -7.34
C THR A 66 -7.89 0.10 -6.14
N GLN A 67 -7.48 -0.70 -5.16
CA GLN A 67 -8.30 -0.92 -3.98
C GLN A 67 -8.40 0.31 -3.09
N ILE A 68 -7.34 1.12 -3.06
CA ILE A 68 -7.41 2.41 -2.37
C ILE A 68 -8.50 3.27 -3.00
N GLY A 69 -8.53 3.30 -4.33
CA GLY A 69 -9.52 4.06 -5.06
C GLY A 69 -10.93 3.55 -4.89
N GLN A 70 -11.10 2.22 -4.87
CA GLN A 70 -12.41 1.63 -4.66
C GLN A 70 -12.91 1.94 -3.25
N LEU A 71 -12.01 1.90 -2.27
CA LEU A 71 -12.38 2.21 -0.90
C LEU A 71 -12.69 3.69 -0.74
N ASN A 72 -11.85 4.53 -1.31
CA ASN A 72 -12.07 5.97 -1.32
C ASN A 72 -13.39 6.31 -2.00
N GLU A 73 -13.73 5.52 -3.00
CA GLU A 73 -14.95 5.71 -3.77
C GLU A 73 -16.17 5.57 -2.87
N GLN A 74 -16.16 4.52 -2.02
CA GLN A 74 -17.22 4.31 -1.04
C GLN A 74 -17.23 5.40 0.03
N ILE A 75 -16.05 5.73 0.54
CA ILE A 75 -15.93 6.78 1.55
C ILE A 75 -16.45 8.11 1.04
N ASN A 76 -16.17 8.41 -0.23
CA ASN A 76 -16.63 9.63 -0.86
C ASN A 76 -18.13 9.62 -1.17
N ARG A 77 -18.68 8.44 -1.45
CA ARG A 77 -20.11 8.33 -1.62
C ARG A 77 -20.80 8.81 -0.34
N GLU A 78 -20.36 8.28 0.79
CA GLU A 78 -20.91 8.64 2.09
C GLU A 78 -20.70 10.11 2.42
N ASN A 79 -19.50 10.61 2.16
CA ASN A 79 -19.17 12.01 2.48
C ASN A 79 -19.98 13.02 1.66
N LEU A 80 -20.29 12.66 0.42
CA LEU A 80 -21.19 13.46 -0.39
C LEU A 80 -22.56 13.58 0.28
N GLY A 81 -23.05 12.47 0.81
CA GLY A 81 -24.34 12.45 1.47
C GLY A 81 -24.32 13.26 2.74
N ILE A 82 -23.23 13.13 3.50
CA ILE A 82 -23.07 13.85 4.75
C ILE A 82 -23.01 15.37 4.55
N ARG A 83 -22.19 15.83 3.62
CA ARG A 83 -22.09 17.27 3.37
C ARG A 83 -23.42 17.83 2.87
N GLN A 84 -24.05 17.11 1.96
CA GLN A 84 -25.35 17.51 1.45
C GLN A 84 -26.35 17.70 2.58
N ARG A 85 -26.36 16.76 3.53
CA ARG A 85 -27.25 16.83 4.68
C ARG A 85 -26.94 18.01 5.59
N ARG A 86 -25.66 18.30 5.78
CA ARG A 86 -25.26 19.46 6.59
C ARG A 86 -25.77 20.74 5.94
N TYR A 87 -25.90 20.72 4.62
CA TYR A 87 -26.37 21.88 3.88
C TYR A 87 -27.89 21.82 3.65
N ASN A 88 -28.52 20.84 4.28
CA ASN A 88 -29.97 20.66 4.14
C ASN A 88 -30.35 20.50 2.67
N GLN A 89 -29.43 19.96 1.90
CA GLN A 89 -29.69 19.72 0.48
C GLN A 89 -30.37 18.37 0.30
N THR A 90 -31.29 18.31 -0.65
CA THR A 90 -32.19 17.18 -0.80
C THR A 90 -32.04 16.55 -2.19
N GLY A 91 -31.33 17.26 -3.06
CA GLY A 91 -31.07 16.80 -4.40
C GLY A 91 -30.19 17.81 -5.12
N GLY A 92 -30.10 17.70 -6.43
CA GLY A 92 -29.33 18.66 -7.23
C GLY A 92 -27.88 18.29 -7.45
N SER A 93 -27.16 19.17 -8.14
CA SER A 93 -25.75 18.96 -8.44
C SER A 93 -24.86 19.43 -7.31
N HIS A 94 -24.09 18.52 -6.74
CA HIS A 94 -23.14 18.87 -5.71
C HIS A 94 -21.84 18.12 -5.88
N THR A 95 -20.76 18.72 -5.43
CA THR A 95 -19.43 18.18 -5.70
C THR A 95 -18.50 18.32 -4.51
N VAL A 96 -17.82 17.23 -4.19
CA VAL A 96 -16.73 17.27 -3.22
C VAL A 96 -15.42 17.18 -3.99
N GLN A 97 -14.50 18.08 -3.69
CA GLN A 97 -13.17 18.05 -4.30
C GLN A 97 -12.09 17.95 -3.23
N TRP A 98 -11.09 17.12 -3.48
CA TRP A 98 -9.93 17.02 -2.60
C TRP A 98 -8.65 17.30 -3.38
N MET A 99 -7.75 18.06 -2.77
CA MET A 99 -6.43 18.27 -3.34
C MET A 99 -5.39 18.05 -2.26
N PHE A 100 -4.38 17.23 -2.57
CA PHE A 100 -3.31 17.00 -1.61
C PHE A 100 -2.05 16.51 -2.30
N GLY A 101 -0.94 16.61 -1.60
CA GLY A 101 0.34 16.20 -2.15
C GLY A 101 1.50 16.91 -1.47
N CYS A 102 2.68 16.77 -2.05
CA CYS A 102 3.90 17.29 -1.44
C CYS A 102 4.84 17.89 -2.46
N ASP A 103 5.65 18.84 -2.02
CA ASP A 103 6.66 19.46 -2.86
C ASP A 103 8.06 19.18 -2.31
N ILE A 104 9.00 18.90 -3.21
CA ILE A 104 10.40 18.85 -2.81
C ILE A 104 11.15 20.01 -3.46
N LEU A 105 11.48 21.02 -2.66
CA LEU A 105 12.16 22.21 -3.15
C LEU A 105 13.64 21.91 -3.35
N GLU A 106 14.33 22.75 -4.13
CA GLU A 106 15.76 22.54 -4.35
C GLU A 106 16.61 23.04 -3.19
N ASP A 107 16.08 22.90 -1.98
CA ASP A 107 16.86 23.08 -0.78
C ASP A 107 16.97 21.71 -0.14
N GLY A 108 16.01 20.86 -0.49
CA GLY A 108 15.82 19.60 0.19
C GLY A 108 14.66 19.78 1.15
N THR A 109 14.16 21.01 1.26
CA THR A 109 13.04 21.30 2.13
C THR A 109 11.75 20.76 1.53
N ILE A 110 10.76 20.52 2.38
CA ILE A 110 9.53 19.85 1.98
C ILE A 110 8.31 20.71 2.27
N ARG A 111 7.24 20.49 1.52
CA ARG A 111 5.96 21.14 1.79
C ARG A 111 4.81 20.17 1.57
N GLY A 112 3.72 20.37 2.31
CA GLY A 112 2.56 19.51 2.20
C GLY A 112 1.24 20.28 2.17
N TYR A 113 0.26 19.72 1.48
CA TYR A 113 -1.06 20.34 1.38
C TYR A 113 -2.15 19.29 1.42
N ARG A 114 -3.24 19.61 2.10
CA ARG A 114 -4.45 18.79 2.05
C ARG A 114 -5.67 19.66 2.31
N GLN A 115 -6.45 19.90 1.26
CA GLN A 115 -7.56 20.83 1.35
C GLN A 115 -8.76 20.34 0.55
N SER A 116 -9.95 20.70 1.01
CA SER A 116 -11.17 20.22 0.38
C SER A 116 -12.12 21.37 0.08
N ALA A 117 -12.90 21.19 -0.97
CA ALA A 117 -13.93 22.16 -1.33
C ALA A 117 -15.26 21.45 -1.42
N TYR A 118 -16.34 22.21 -1.28
CA TYR A 118 -17.68 21.70 -1.49
C TYR A 118 -18.45 22.65 -2.40
N ASP A 119 -18.93 22.13 -3.53
CA ASP A 119 -19.59 22.96 -4.54
C ASP A 119 -18.68 24.09 -4.99
N GLY A 120 -17.39 23.79 -5.14
CA GLY A 120 -16.43 24.73 -5.70
C GLY A 120 -15.90 25.75 -4.72
N ARG A 121 -16.32 25.65 -3.46
CA ARG A 121 -15.90 26.59 -2.43
C ARG A 121 -15.16 25.88 -1.30
N ASP A 122 -14.21 26.58 -0.69
CA ASP A 122 -13.46 26.01 0.43
C ASP A 122 -14.42 25.44 1.47
N PHE A 123 -14.12 24.22 1.92
CA PHE A 123 -14.92 23.56 2.94
C PHE A 123 -14.09 23.34 4.19
N ILE A 124 -12.97 22.64 4.02
CA ILE A 124 -12.05 22.40 5.13
C ILE A 124 -10.64 22.12 4.62
N ALA A 125 -9.65 22.42 5.45
CA ALA A 125 -8.26 22.17 5.09
C ALA A 125 -7.41 21.89 6.33
N LEU A 126 -6.38 21.07 6.15
CA LEU A 126 -5.38 20.88 7.19
C LEU A 126 -4.51 22.12 7.20
N ASP A 127 -4.30 22.72 8.36
CA ASP A 127 -3.53 23.96 8.39
C ASP A 127 -2.02 23.74 8.33
N LYS A 128 -1.29 24.83 8.18
CA LYS A 128 0.14 24.80 7.89
C LYS A 128 0.94 23.91 8.84
N ASP A 129 0.66 23.97 10.13
CA ASP A 129 1.43 23.19 11.09
C ASP A 129 1.04 21.71 11.09
N MET A 130 -0.03 21.39 10.38
CA MET A 130 -0.51 20.01 10.28
C MET A 130 -0.90 19.43 11.64
N LYS A 131 -1.30 20.31 12.56
CA LYS A 131 -1.71 19.88 13.90
C LYS A 131 -3.22 19.92 14.06
N THR A 132 -3.87 20.77 13.29
CA THR A 132 -5.31 20.93 13.35
C THR A 132 -5.91 21.08 11.97
N PHE A 133 -7.25 21.07 11.92
CA PHE A 133 -7.97 21.39 10.70
C PHE A 133 -8.65 22.74 10.87
N THR A 134 -8.79 23.47 9.77
CA THR A 134 -9.49 24.75 9.80
C THR A 134 -10.75 24.67 8.95
N ALA A 135 -11.89 24.89 9.59
CA ALA A 135 -13.16 24.91 8.88
C ALA A 135 -13.33 26.24 8.15
N ALA A 136 -13.59 26.18 6.85
CA ALA A 136 -13.81 27.38 6.05
C ALA A 136 -15.28 27.80 6.14
N VAL A 137 -16.14 26.86 6.48
CA VAL A 137 -17.57 27.12 6.61
C VAL A 137 -18.11 26.43 7.85
N PRO A 138 -19.17 27.01 8.44
CA PRO A 138 -19.79 26.45 9.65
C PRO A 138 -20.19 24.98 9.45
N GLU A 139 -20.51 24.61 8.22
CA GLU A 139 -20.94 23.26 7.90
C GLU A 139 -19.81 22.24 8.05
N ALA A 140 -18.59 22.73 8.21
CA ALA A 140 -17.43 21.84 8.35
C ALA A 140 -16.95 21.75 9.79
N VAL A 141 -17.49 22.61 10.66
CA VAL A 141 -17.09 22.64 12.06
C VAL A 141 -17.15 21.26 12.75
N PRO A 142 -18.29 20.57 12.66
CA PRO A 142 -18.41 19.24 13.27
C PRO A 142 -17.38 18.25 12.75
N THR A 143 -17.04 18.35 11.47
CA THR A 143 -16.03 17.49 10.88
C THR A 143 -14.66 17.78 11.48
N LYS A 144 -14.33 19.07 11.59
CA LYS A 144 -13.10 19.49 12.25
C LYS A 144 -12.97 18.79 13.60
N ARG A 145 -14.05 18.82 14.37
CA ARG A 145 -14.08 18.26 15.71
C ARG A 145 -13.85 16.75 15.71
N LYS A 146 -14.60 16.05 14.85
CA LYS A 146 -14.49 14.61 14.74
C LYS A 146 -13.08 14.18 14.36
N TRP A 147 -12.50 14.85 13.38
CA TRP A 147 -11.18 14.48 12.88
C TRP A 147 -10.07 14.67 13.91
N GLU A 148 -10.09 15.79 14.62
CA GLU A 148 -9.05 16.07 15.60
C GLU A 148 -9.16 15.14 16.81
N GLU A 149 -10.39 14.75 17.12
CA GLU A 149 -10.65 13.77 18.16
C GLU A 149 -10.15 12.39 17.73
N GLU A 150 -10.00 12.20 16.42
CA GLU A 150 -9.58 10.92 15.86
C GLU A 150 -8.12 10.89 15.44
N SER A 151 -7.41 11.99 15.67
CA SER A 151 -6.00 12.09 15.34
C SER A 151 -5.73 12.10 13.83
N GLU A 152 -6.67 12.63 13.07
CA GLU A 152 -6.51 12.75 11.63
C GLU A 152 -5.35 13.67 11.20
N PRO A 153 -5.16 14.81 11.90
CA PRO A 153 -4.04 15.68 11.54
C PRO A 153 -2.71 14.95 11.60
N GLU A 154 -2.46 14.24 12.69
CA GLU A 154 -1.23 13.45 12.84
C GLU A 154 -1.07 12.48 11.68
N ARG A 155 -2.15 11.81 11.31
CA ARG A 155 -2.12 10.84 10.24
C ARG A 155 -1.77 11.46 8.88
N TRP A 156 -2.32 12.64 8.61
CA TRP A 156 -2.05 13.32 7.35
C TRP A 156 -0.68 13.97 7.31
N LYS A 157 -0.23 14.46 8.47
CA LYS A 157 1.12 14.98 8.61
C LYS A 157 2.12 13.89 8.24
N ASN A 158 1.84 12.68 8.71
CA ASN A 158 2.70 11.54 8.46
C ASN A 158 2.76 11.19 6.98
N TYR A 159 1.59 11.15 6.34
CA TYR A 159 1.53 10.84 4.91
C TYR A 159 2.23 11.91 4.08
N LEU A 160 1.99 13.17 4.41
CA LEU A 160 2.50 14.28 3.63
C LEU A 160 4.02 14.42 3.75
N GLU A 161 4.54 14.19 4.95
CA GLU A 161 5.95 14.44 5.21
C GLU A 161 6.83 13.21 4.95
N GLU A 162 6.24 12.03 4.95
CA GLU A 162 7.00 10.80 4.77
C GLU A 162 6.59 10.02 3.54
N THR A 163 5.42 9.39 3.60
CA THR A 163 4.90 8.58 2.50
C THR A 163 4.92 9.33 1.17
N CYS A 164 4.24 10.47 1.11
CA CYS A 164 4.14 11.26 -0.10
C CYS A 164 5.51 11.66 -0.67
N VAL A 165 6.38 12.16 0.19
CA VAL A 165 7.72 12.59 -0.21
C VAL A 165 8.56 11.42 -0.70
N GLU A 166 8.57 10.34 0.08
CA GLU A 166 9.37 9.18 -0.27
C GLU A 166 8.98 8.63 -1.63
N TRP A 167 7.67 8.58 -1.89
CA TRP A 167 7.19 8.12 -3.19
C TRP A 167 7.49 9.10 -4.32
N LEU A 168 7.42 10.39 -4.03
CA LEU A 168 7.76 11.41 -5.02
C LEU A 168 9.19 11.24 -5.49
N ARG A 169 10.08 10.95 -4.55
CA ARG A 169 11.49 10.74 -4.89
C ARG A 169 11.64 9.58 -5.86
N ARG A 170 10.85 8.53 -5.66
CA ARG A 170 10.87 7.39 -6.56
C ARG A 170 10.33 7.75 -7.95
N TYR A 171 9.22 8.47 -7.99
CA TYR A 171 8.63 8.87 -9.25
C TYR A 171 9.58 9.73 -10.08
N VAL A 172 10.19 10.72 -9.43
CA VAL A 172 11.12 11.62 -10.10
C VAL A 172 12.30 10.84 -10.67
N GLU A 173 12.77 9.85 -9.91
CA GLU A 173 13.82 8.96 -10.36
C GLU A 173 13.38 8.18 -11.60
N TYR A 174 12.17 7.62 -11.53
CA TYR A 174 11.65 6.79 -12.61
C TYR A 174 11.53 7.57 -13.93
N GLY A 175 10.94 8.75 -13.86
CA GLY A 175 10.70 9.56 -15.05
C GLY A 175 11.69 10.69 -15.26
N LYS A 176 12.90 10.52 -14.73
CA LYS A 176 13.93 11.56 -14.81
C LYS A 176 14.10 12.06 -16.24
N ALA A 177 14.26 11.13 -17.18
CA ALA A 177 14.49 11.48 -18.58
C ALA A 177 13.28 12.15 -19.21
N GLU A 178 12.10 11.57 -18.99
CA GLU A 178 10.86 12.13 -19.50
C GLU A 178 10.62 13.53 -18.94
N LEU A 179 10.69 13.65 -17.62
CA LEU A 179 10.44 14.91 -16.94
C LEU A 179 11.46 16.00 -17.27
N GLY A 180 12.67 15.59 -17.64
CA GLY A 180 13.73 16.53 -17.90
C GLY A 180 13.96 16.81 -19.37
N ARG A 181 13.11 16.25 -20.23
CA ARG A 181 13.26 16.41 -21.66
C ARG A 181 12.87 17.82 -22.08
N ARG A 182 13.16 18.15 -23.33
CA ARG A 182 12.77 19.43 -23.90
C ARG A 182 12.23 19.23 -25.30
N GLU A 183 11.12 19.89 -25.60
CA GLU A 183 10.53 19.82 -26.92
C GLU A 183 10.32 21.23 -27.46
N ARG A 184 10.80 21.46 -28.67
CA ARG A 184 10.74 22.78 -29.28
C ARG A 184 9.38 23.08 -29.86
N PRO A 185 8.86 24.28 -29.59
CA PRO A 185 7.59 24.70 -30.15
C PRO A 185 7.77 25.12 -31.60
N GLU A 186 6.81 24.77 -32.45
CA GLU A 186 6.74 25.35 -33.78
C GLU A 186 5.93 26.63 -33.64
N VAL A 187 6.51 27.75 -34.07
CA VAL A 187 5.86 29.04 -33.91
C VAL A 187 5.28 29.52 -35.23
N ARG A 188 4.11 30.15 -35.16
CA ARG A 188 3.51 30.77 -36.33
C ARG A 188 2.85 32.10 -35.97
N VAL A 189 3.13 33.11 -36.77
CA VAL A 189 2.47 34.41 -36.63
C VAL A 189 1.45 34.54 -37.75
N TRP A 190 0.23 34.95 -37.39
CA TRP A 190 -0.85 35.05 -38.36
C TRP A 190 -1.59 36.38 -38.21
N GLY A 191 -2.07 36.91 -39.33
CA GLY A 191 -2.76 38.19 -39.32
C GLY A 191 -4.24 38.08 -39.62
N LYS A 192 -5.06 38.70 -38.77
CA LYS A 192 -6.50 38.64 -38.93
C LYS A 192 -7.08 40.02 -39.21
N GLU A 193 -8.04 40.08 -40.12
CA GLU A 193 -8.73 41.32 -40.42
C GLU A 193 -10.21 41.12 -40.73
N ALA A 194 -11.06 41.57 -39.82
CA ALA A 194 -12.51 41.53 -40.01
C ALA A 194 -13.09 42.92 -39.78
N ASP A 195 -12.31 43.74 -39.09
CA ASP A 195 -12.70 45.12 -38.82
C ASP A 195 -11.59 46.06 -39.29
N GLY A 196 -11.68 47.32 -38.89
CA GLY A 196 -10.64 48.29 -39.16
C GLY A 196 -9.54 48.23 -38.11
N ILE A 197 -9.36 47.05 -37.52
CA ILE A 197 -8.33 46.83 -36.52
C ILE A 197 -7.60 45.52 -36.82
N LEU A 198 -6.28 45.60 -36.99
CA LEU A 198 -5.50 44.42 -37.37
C LEU A 198 -5.07 43.59 -36.17
N THR A 199 -5.60 42.38 -36.07
CA THR A 199 -5.25 41.48 -34.97
C THR A 199 -4.09 40.55 -35.35
N LEU A 200 -2.95 40.76 -34.72
CA LEU A 200 -1.78 39.91 -34.94
C LEU A 200 -1.73 38.82 -33.87
N SER A 201 -1.59 37.57 -34.31
CA SER A 201 -1.54 36.46 -33.38
C SER A 201 -0.22 35.72 -33.47
N CYS A 202 0.30 35.30 -32.33
CA CYS A 202 1.51 34.50 -32.27
C CYS A 202 1.30 33.28 -31.40
N ARG A 203 1.38 32.09 -31.99
CA ARG A 203 1.17 30.85 -31.27
C ARG A 203 2.44 29.99 -31.19
N ALA A 204 2.71 29.46 -29.99
CA ALA A 204 3.75 28.45 -29.81
C ALA A 204 3.10 27.09 -29.66
N HIS A 205 3.51 26.14 -30.49
CA HIS A 205 2.90 24.81 -30.52
C HIS A 205 3.83 23.72 -30.00
N GLY A 206 3.40 23.01 -28.97
CA GLY A 206 4.09 21.82 -28.51
C GLY A 206 5.42 22.05 -27.82
N PHE A 207 5.45 22.97 -26.87
CA PHE A 207 6.66 23.20 -26.09
C PHE A 207 6.65 22.51 -24.74
N TYR A 208 7.84 22.11 -24.29
CA TYR A 208 8.04 21.53 -22.97
C TYR A 208 9.49 21.74 -22.58
N PRO A 209 9.74 22.12 -21.32
CA PRO A 209 8.77 22.24 -20.22
C PRO A 209 7.78 23.40 -20.36
N ARG A 210 7.03 23.62 -19.29
CA ARG A 210 5.90 24.55 -19.28
C ARG A 210 6.27 26.03 -19.35
N PRO A 211 7.27 26.48 -18.56
CA PRO A 211 7.64 27.89 -18.56
C PRO A 211 8.00 28.40 -19.96
N ILE A 212 7.54 29.60 -20.29
CA ILE A 212 7.79 30.17 -21.61
C ILE A 212 7.45 31.66 -21.63
N VAL A 213 8.08 32.39 -22.54
CA VAL A 213 7.79 33.80 -22.73
C VAL A 213 7.46 34.09 -24.19
N VAL A 214 6.28 34.64 -24.44
CA VAL A 214 5.89 35.06 -25.78
C VAL A 214 5.45 36.52 -25.74
N SER A 215 6.05 37.35 -26.57
CA SER A 215 5.82 38.79 -26.50
C SER A 215 5.76 39.45 -27.87
N TRP A 216 5.07 40.58 -27.94
CA TRP A 216 4.97 41.36 -29.16
C TRP A 216 5.79 42.63 -29.04
N LEU A 217 6.63 42.90 -30.04
CA LEU A 217 7.41 44.13 -30.07
C LEU A 217 6.88 45.02 -31.18
N LYS A 218 6.82 46.32 -30.92
CA LYS A 218 6.51 47.28 -31.97
C LYS A 218 7.69 48.15 -32.43
N ASP A 219 8.38 47.69 -33.48
CA ASP A 219 9.66 48.23 -33.86
C ASP A 219 10.63 48.31 -32.68
N GLY A 220 11.06 47.15 -32.22
CA GLY A 220 12.08 47.06 -31.18
C GLY A 220 11.57 47.05 -29.75
N ALA A 221 10.48 47.78 -29.49
CA ALA A 221 10.00 47.95 -28.13
C ALA A 221 8.83 47.03 -27.80
N VAL A 222 8.98 46.24 -26.73
CA VAL A 222 7.92 45.35 -26.29
C VAL A 222 6.76 46.33 -26.25
N ARG A 223 5.71 46.02 -27.00
CA ARG A 223 4.51 46.82 -27.05
C ARG A 223 3.48 45.81 -26.57
N GLY A 224 3.97 44.83 -25.81
CA GLY A 224 3.13 43.79 -25.25
C GLY A 224 2.47 44.26 -23.97
N GLN A 225 2.57 45.55 -23.71
CA GLN A 225 1.90 46.14 -22.56
C GLN A 225 0.39 46.08 -22.82
N ASP A 226 0.03 45.91 -24.08
CA ASP A 226 -1.36 45.76 -24.49
C ASP A 226 -1.55 44.52 -25.36
N ALA A 227 -0.68 43.53 -25.16
CA ALA A 227 -0.84 42.23 -25.81
C ALA A 227 -1.76 41.37 -24.95
N HIS A 228 -2.51 40.47 -25.59
CA HIS A 228 -3.44 39.63 -24.88
C HIS A 228 -3.05 38.15 -24.97
N SER A 229 -2.84 37.54 -23.81
CA SER A 229 -2.40 36.15 -23.76
C SER A 229 -3.52 35.22 -23.33
N GLY A 230 -3.58 34.04 -23.96
CA GLY A 230 -4.56 33.03 -23.61
C GLY A 230 -3.98 32.08 -22.58
N GLY A 231 -2.83 32.45 -22.02
CA GLY A 231 -2.18 31.64 -21.02
C GLY A 231 -1.61 30.35 -21.57
N ILE A 232 -1.12 29.49 -20.68
CA ILE A 232 -0.54 28.22 -21.08
C ILE A 232 -1.59 27.12 -21.02
N VAL A 233 -1.92 26.57 -22.18
CA VAL A 233 -2.91 25.50 -22.26
C VAL A 233 -2.26 24.22 -22.80
N PRO A 234 -2.79 23.06 -22.41
CA PRO A 234 -2.12 21.78 -22.71
C PRO A 234 -2.52 21.14 -24.03
N ASN A 235 -1.58 20.44 -24.65
CA ASN A 235 -1.88 19.57 -25.77
C ASN A 235 -2.19 18.18 -25.20
N GLY A 236 -2.54 17.25 -26.07
CA GLY A 236 -2.88 15.91 -25.61
C GLY A 236 -1.68 15.01 -25.37
N ASP A 237 -0.49 15.46 -25.74
CA ASP A 237 0.68 14.59 -25.73
C ASP A 237 1.74 14.97 -24.68
N GLY A 238 1.34 15.74 -23.68
CA GLY A 238 2.27 16.13 -22.62
C GLY A 238 3.10 17.37 -22.95
N THR A 239 2.68 18.10 -23.97
CA THR A 239 3.30 19.38 -24.29
C THR A 239 2.28 20.49 -24.15
N TYR A 240 2.72 21.73 -24.32
CA TYR A 240 1.83 22.87 -24.10
C TYR A 240 1.65 23.76 -25.32
N HIS A 241 0.70 24.67 -25.22
CA HIS A 241 0.39 25.60 -26.29
C HIS A 241 0.08 26.94 -25.65
N THR A 242 0.44 28.02 -26.33
CA THR A 242 0.08 29.36 -25.89
C THR A 242 -0.05 30.26 -27.09
N TRP A 243 -0.94 31.24 -27.00
CA TRP A 243 -1.08 32.21 -28.08
C TRP A 243 -1.34 33.60 -27.58
N VAL A 244 -0.61 34.55 -28.17
CA VAL A 244 -0.70 35.95 -27.77
C VAL A 244 -1.04 36.83 -28.96
N THR A 245 -2.05 37.67 -28.79
CA THR A 245 -2.49 38.57 -29.85
C THR A 245 -2.20 40.02 -29.50
N ILE A 246 -2.28 40.88 -30.52
CA ILE A 246 -2.12 42.32 -30.33
C ILE A 246 -2.81 43.07 -31.48
N GLU A 247 -3.50 44.15 -31.13
CA GLU A 247 -4.22 44.92 -32.13
C GLU A 247 -3.29 45.96 -32.73
N ALA A 248 -3.24 46.00 -34.06
CA ALA A 248 -2.42 46.97 -34.76
C ALA A 248 -3.25 47.75 -35.76
N GLN A 249 -2.98 49.06 -35.86
CA GLN A 249 -3.59 49.88 -36.89
C GLN A 249 -3.26 49.26 -38.23
N PRO A 250 -4.26 49.15 -39.12
CA PRO A 250 -3.93 48.82 -40.51
C PRO A 250 -2.76 49.69 -40.96
N GLY A 251 -1.87 49.12 -41.78
CA GLY A 251 -0.54 49.70 -41.90
C GLY A 251 0.14 49.21 -40.64
N ASP A 252 1.34 49.70 -40.34
CA ASP A 252 2.00 49.37 -39.08
C ASP A 252 1.89 47.88 -38.72
N GLY A 253 1.83 47.02 -39.72
CA GLY A 253 1.68 45.59 -39.50
C GLY A 253 3.10 45.09 -39.61
N ASP A 254 3.91 45.79 -40.40
CA ASP A 254 5.30 45.40 -40.59
C ASP A 254 6.19 45.93 -39.47
N LYS A 255 5.58 46.55 -38.48
CA LYS A 255 6.33 47.08 -37.33
C LYS A 255 6.34 46.10 -36.16
N TYR A 256 5.52 45.05 -36.25
CA TYR A 256 5.38 44.14 -35.12
C TYR A 256 6.17 42.85 -35.29
N GLN A 257 6.71 42.39 -34.18
CA GLN A 257 7.45 41.13 -34.14
C GLN A 257 7.09 40.36 -32.89
N CYS A 258 6.92 39.06 -33.04
CA CYS A 258 6.72 38.19 -31.89
C CYS A 258 8.03 37.54 -31.48
N ARG A 259 8.39 37.68 -30.20
CA ARG A 259 9.59 37.05 -29.69
C ARG A 259 9.24 35.91 -28.75
N VAL A 260 9.88 34.76 -28.98
CA VAL A 260 9.60 33.56 -28.20
C VAL A 260 10.85 33.05 -27.49
N GLU A 261 10.81 33.04 -26.16
CA GLU A 261 11.90 32.49 -25.38
C GLU A 261 11.46 31.16 -24.78
N HIS A 262 12.30 30.13 -24.94
CA HIS A 262 12.02 28.83 -24.35
C HIS A 262 13.30 28.02 -24.21
N ALA A 263 13.37 27.20 -23.17
CA ALA A 263 14.58 26.45 -22.85
C ALA A 263 15.06 25.52 -23.96
N SER A 264 14.16 25.17 -24.86
CA SER A 264 14.47 24.22 -25.92
C SER A 264 15.11 24.87 -27.14
N LEU A 265 15.11 26.20 -27.18
CA LEU A 265 15.53 26.92 -28.38
C LEU A 265 17.03 27.19 -28.45
N PRO A 266 17.62 27.03 -29.65
CA PRO A 266 19.02 27.46 -29.85
C PRO A 266 19.18 28.93 -29.51
N GLN A 267 18.26 29.75 -30.02
CA GLN A 267 18.19 31.17 -29.66
C GLN A 267 16.73 31.57 -29.60
N PRO A 268 16.43 32.68 -28.90
CA PRO A 268 15.05 33.16 -28.85
C PRO A 268 14.53 33.39 -30.27
N GLY A 269 13.34 32.89 -30.56
CA GLY A 269 12.72 33.10 -31.86
C GLY A 269 12.21 34.52 -32.01
N LEU A 270 12.29 35.04 -33.23
CA LEU A 270 11.80 36.39 -33.53
C LEU A 270 11.12 36.36 -34.89
N TYR A 271 9.84 36.71 -34.93
CA TYR A 271 9.04 36.50 -36.13
C TYR A 271 8.16 37.69 -36.48
N SER A 272 8.21 38.10 -37.74
CA SER A 272 7.35 39.17 -38.24
C SER A 272 6.13 38.58 -38.93
N TRP A 273 5.12 39.42 -39.15
CA TRP A 273 3.96 38.96 -39.92
C TRP A 273 4.12 39.34 -41.39
N LYS A 274 3.83 38.39 -42.27
CA LYS A 274 3.90 38.62 -43.70
C LYS A 274 2.75 37.94 -44.43
N LEU A 275 1.91 38.75 -45.08
CA LEU A 275 0.74 38.25 -45.78
C LEU A 275 1.13 37.59 -47.10
N ASP B 4 -17.86 34.61 -11.83
CA ASP B 4 -18.26 34.11 -13.14
C ASP B 4 -17.68 32.73 -13.42
N LEU B 5 -18.54 31.71 -13.42
CA LEU B 5 -18.10 30.33 -13.55
C LEU B 5 -18.46 29.72 -14.90
N THR B 6 -18.53 30.56 -15.91
CA THR B 6 -18.77 30.09 -17.27
C THR B 6 -17.47 29.51 -17.85
N PRO B 7 -17.60 28.56 -18.76
CA PRO B 7 -16.40 27.95 -19.39
C PRO B 7 -15.62 28.96 -20.21
N LYS B 8 -14.30 29.00 -20.03
CA LYS B 8 -13.41 29.77 -20.89
C LYS B 8 -12.77 28.83 -21.89
N VAL B 9 -13.08 29.03 -23.16
CA VAL B 9 -12.73 28.04 -24.19
C VAL B 9 -11.69 28.53 -25.20
N GLN B 10 -10.76 27.65 -25.56
CA GLN B 10 -9.80 27.93 -26.60
C GLN B 10 -9.70 26.73 -27.55
N VAL B 11 -9.66 27.01 -28.84
CA VAL B 11 -9.55 25.96 -29.85
C VAL B 11 -8.26 26.16 -30.64
N TYR B 12 -7.45 25.10 -30.73
CA TYR B 12 -6.13 25.18 -31.34
C TYR B 12 -5.65 23.80 -31.79
N SER B 13 -4.78 23.79 -32.80
CA SER B 13 -4.23 22.55 -33.31
C SER B 13 -2.90 22.20 -32.63
N ARG B 14 -2.60 20.91 -32.57
CA ARG B 14 -1.35 20.46 -31.97
C ARG B 14 -0.15 21.07 -32.68
N PHE B 15 -0.16 21.00 -34.01
CA PHE B 15 0.86 21.66 -34.81
C PHE B 15 0.24 22.82 -35.58
N PRO B 16 1.04 23.84 -35.91
CA PRO B 16 0.53 24.86 -36.83
C PRO B 16 -0.08 24.17 -38.04
N ALA B 17 -1.32 24.50 -38.37
CA ALA B 17 -2.04 23.79 -39.41
C ALA B 17 -1.46 24.02 -40.81
N SER B 18 -1.42 22.97 -41.61
CA SER B 18 -0.90 23.05 -42.98
C SER B 18 -1.83 22.34 -43.95
N ALA B 19 -1.70 22.65 -45.23
CA ALA B 19 -2.53 22.06 -46.27
C ALA B 19 -2.27 20.56 -46.36
N GLY B 20 -3.34 19.77 -46.25
CA GLY B 20 -3.26 18.33 -46.39
C GLY B 20 -2.34 17.63 -45.40
N THR B 21 -2.15 18.24 -44.23
CA THR B 21 -1.23 17.71 -43.24
C THR B 21 -1.94 17.22 -41.98
N LYS B 22 -1.67 15.97 -41.61
CA LYS B 22 -2.26 15.39 -40.42
C LYS B 22 -1.95 16.23 -39.19
N ASN B 23 -2.91 16.29 -38.27
CA ASN B 23 -2.80 17.16 -37.12
C ASN B 23 -3.71 16.65 -36.00
N VAL B 24 -3.84 17.43 -34.94
CA VAL B 24 -4.77 17.11 -33.86
C VAL B 24 -5.52 18.38 -33.47
N LEU B 25 -6.84 18.29 -33.43
CA LEU B 25 -7.65 19.44 -33.04
C LEU B 25 -7.91 19.41 -31.54
N ASN B 26 -7.64 20.53 -30.88
CA ASN B 26 -7.83 20.63 -29.43
C ASN B 26 -8.94 21.61 -29.04
N CYS B 27 -9.66 21.27 -27.97
CA CYS B 27 -10.58 22.21 -27.35
C CYS B 27 -10.38 22.19 -25.83
N PHE B 28 -10.08 23.36 -25.27
CA PHE B 28 -9.78 23.46 -23.84
C PHE B 28 -10.75 24.41 -23.13
N ALA B 29 -11.52 23.85 -22.20
CA ALA B 29 -12.45 24.64 -21.39
C ALA B 29 -11.96 24.72 -19.96
N ALA B 30 -11.88 25.93 -19.41
CA ALA B 30 -11.35 26.10 -18.06
C ALA B 30 -12.17 27.08 -17.22
N GLY B 31 -11.92 27.07 -15.92
CA GLY B 31 -12.53 28.01 -15.01
C GLY B 31 -14.02 27.83 -14.76
N PHE B 32 -14.55 26.65 -15.05
CA PHE B 32 -15.99 26.42 -14.91
C PHE B 32 -16.37 25.58 -13.70
N HIS B 33 -17.64 25.71 -13.31
CA HIS B 33 -18.26 24.89 -12.28
C HIS B 33 -19.77 25.01 -12.45
N PRO B 34 -20.52 23.90 -12.30
CA PRO B 34 -20.08 22.55 -11.91
C PRO B 34 -19.23 21.85 -12.96
N PRO B 35 -18.63 20.71 -12.59
CA PRO B 35 -17.77 19.91 -13.46
C PRO B 35 -18.49 19.37 -14.70
N LYS B 36 -19.78 19.07 -14.58
CA LYS B 36 -20.52 18.55 -15.72
C LYS B 36 -20.49 19.53 -16.88
N ILE B 37 -20.12 19.06 -18.06
CA ILE B 37 -20.01 19.92 -19.23
C ILE B 37 -20.04 19.12 -20.52
N SER B 38 -20.57 19.72 -21.58
CA SER B 38 -20.58 19.07 -22.88
C SER B 38 -19.67 19.81 -23.86
N ILE B 39 -18.66 19.11 -24.35
CA ILE B 39 -17.69 19.69 -25.26
C ILE B 39 -17.58 18.81 -26.50
N THR B 40 -18.04 19.32 -27.64
CA THR B 40 -18.00 18.53 -28.88
C THR B 40 -17.19 19.21 -29.98
N LEU B 41 -16.20 18.48 -30.50
CA LEU B 41 -15.44 18.94 -31.66
C LEU B 41 -16.27 18.71 -32.91
N MET B 42 -16.38 19.73 -33.75
CA MET B 42 -17.26 19.64 -34.90
C MET B 42 -16.62 20.09 -36.21
N LYS B 43 -16.99 19.40 -37.28
CA LYS B 43 -16.53 19.71 -38.62
C LYS B 43 -17.73 20.07 -39.48
N ASP B 44 -17.83 21.34 -39.84
CA ASP B 44 -18.94 21.81 -40.68
C ASP B 44 -20.30 21.58 -40.01
N GLY B 45 -20.39 21.90 -38.73
CA GLY B 45 -21.65 21.81 -38.01
C GLY B 45 -22.05 20.40 -37.64
N VAL B 46 -21.11 19.46 -37.81
CA VAL B 46 -21.35 18.06 -37.46
C VAL B 46 -20.17 17.55 -36.65
N PRO B 47 -20.42 16.70 -35.64
CA PRO B 47 -19.33 16.19 -34.80
C PRO B 47 -18.25 15.47 -35.61
N MET B 48 -17.04 15.45 -35.08
CA MET B 48 -15.97 14.64 -35.66
C MET B 48 -15.90 13.26 -34.99
N GLU B 49 -14.75 12.62 -35.09
CA GLU B 49 -14.70 11.18 -35.35
C GLU B 49 -14.35 10.41 -34.08
N GLY B 50 -13.08 10.39 -33.73
CA GLY B 50 -12.63 9.79 -32.49
C GLY B 50 -12.04 10.79 -31.53
N ALA B 51 -12.71 10.99 -30.40
CA ALA B 51 -12.53 12.21 -29.61
C ALA B 51 -12.16 11.79 -28.19
N GLN B 52 -10.93 12.09 -27.81
CA GLN B 52 -10.48 11.86 -26.44
C GLN B 52 -10.98 13.01 -25.59
N TYR B 53 -12.23 12.93 -25.13
CA TYR B 53 -12.79 13.92 -24.22
C TYR B 53 -12.06 13.76 -22.90
N SER B 54 -11.37 12.63 -22.80
CA SER B 54 -10.94 12.04 -21.54
C SER B 54 -10.57 12.83 -20.29
N ASP B 55 -9.95 13.99 -20.46
CA ASP B 55 -9.06 14.45 -19.41
C ASP B 55 -9.50 15.78 -18.82
N MET B 56 -9.88 15.71 -17.55
CA MET B 56 -10.30 16.84 -16.77
C MET B 56 -9.50 16.90 -15.47
N SER B 57 -9.35 18.10 -14.93
CA SER B 57 -8.73 18.31 -13.63
C SER B 57 -9.31 19.60 -13.07
N PHE B 58 -8.72 20.12 -12.01
CA PHE B 58 -9.11 21.44 -11.53
C PHE B 58 -7.92 22.21 -10.97
N ASN B 59 -8.05 23.53 -10.97
CA ASN B 59 -7.00 24.41 -10.48
C ASN B 59 -7.08 24.64 -8.98
N ASP B 60 -6.13 25.39 -8.46
CA ASP B 60 -6.07 25.70 -7.03
C ASP B 60 -7.34 26.40 -6.54
N ASP B 61 -7.95 27.21 -7.40
CA ASP B 61 -9.19 27.90 -7.03
C ASP B 61 -10.41 27.00 -7.17
N TRP B 62 -10.18 25.73 -7.47
CA TRP B 62 -11.23 24.71 -7.53
C TRP B 62 -11.97 24.65 -8.87
N THR B 63 -11.77 25.63 -9.74
CA THR B 63 -12.47 25.61 -11.02
C THR B 63 -11.94 24.48 -11.91
N PHE B 64 -12.85 23.83 -12.62
CA PHE B 64 -12.53 22.67 -13.45
C PHE B 64 -12.04 23.04 -14.84
N GLN B 65 -11.25 22.15 -15.43
CA GLN B 65 -10.77 22.29 -16.79
C GLN B 65 -10.95 20.96 -17.50
N ARG B 66 -11.18 20.99 -18.79
CA ARG B 66 -11.33 19.77 -19.58
C ARG B 66 -10.77 19.95 -20.97
N LEU B 67 -9.90 19.03 -21.37
CA LEU B 67 -9.35 19.05 -22.72
C LEU B 67 -9.96 17.94 -23.57
N VAL B 68 -10.38 18.30 -24.77
CA VAL B 68 -10.85 17.34 -25.75
C VAL B 68 -9.97 17.46 -26.98
N HIS B 69 -9.46 16.33 -27.46
CA HIS B 69 -8.62 16.33 -28.66
C HIS B 69 -8.92 15.15 -29.56
N ALA B 70 -8.80 15.36 -30.87
CA ALA B 70 -9.04 14.31 -31.84
C ALA B 70 -8.08 14.42 -33.01
N ASP B 71 -7.65 13.27 -33.52
CA ASP B 71 -6.80 13.24 -34.72
C ASP B 71 -7.63 13.70 -35.91
N PHE B 72 -7.02 14.51 -36.78
CA PHE B 72 -7.72 14.97 -37.97
C PHE B 72 -6.77 15.56 -39.01
N THR B 73 -7.27 15.63 -40.24
CA THR B 73 -6.59 16.37 -41.29
C THR B 73 -7.51 17.50 -41.71
N PRO B 74 -7.03 18.74 -41.60
CA PRO B 74 -7.85 19.90 -41.97
C PRO B 74 -8.25 19.83 -43.43
N SER B 75 -9.55 19.71 -43.71
CA SER B 75 -10.03 19.67 -45.09
C SER B 75 -10.23 21.09 -45.61
N SER B 76 -9.84 21.32 -46.86
CA SER B 76 -9.99 22.65 -47.45
C SER B 76 -11.46 22.99 -47.62
N GLY B 77 -11.83 24.22 -47.30
CA GLY B 77 -13.20 24.66 -47.41
C GLY B 77 -14.08 24.25 -46.25
N SER B 78 -13.50 23.56 -45.27
CA SER B 78 -14.24 23.11 -44.10
C SER B 78 -14.08 24.02 -42.89
N THR B 79 -15.13 24.14 -42.11
CA THR B 79 -15.10 24.95 -40.90
C THR B 79 -15.09 24.05 -39.66
N TYR B 80 -14.13 24.29 -38.77
CA TYR B 80 -14.05 23.53 -37.54
C TYR B 80 -14.36 24.42 -36.35
N ALA B 81 -14.92 23.81 -35.30
CA ALA B 81 -15.30 24.55 -34.12
C ALA B 81 -15.54 23.64 -32.93
N CYS B 82 -15.67 24.25 -31.76
CA CYS B 82 -15.91 23.50 -30.54
C CYS B 82 -17.23 23.94 -29.91
N LYS B 83 -18.22 23.05 -29.94
CA LYS B 83 -19.52 23.35 -29.35
C LYS B 83 -19.50 23.03 -27.86
N VAL B 84 -19.76 24.03 -27.03
CA VAL B 84 -19.73 23.87 -25.59
C VAL B 84 -21.07 24.17 -24.95
N GLU B 85 -21.54 23.24 -24.12
CA GLU B 85 -22.80 23.41 -23.40
C GLU B 85 -22.58 23.23 -21.90
N HIS B 86 -23.11 24.16 -21.11
CA HIS B 86 -22.86 24.19 -19.68
C HIS B 86 -23.96 24.95 -18.94
N GLU B 87 -24.28 24.49 -17.74
CA GLU B 87 -25.39 25.03 -16.94
C GLU B 87 -25.35 26.55 -16.75
N THR B 88 -24.14 27.11 -16.71
CA THR B 88 -23.98 28.54 -16.50
C THR B 88 -24.30 29.36 -17.74
N LEU B 89 -24.62 28.67 -18.83
CA LEU B 89 -24.90 29.33 -20.10
C LEU B 89 -26.32 29.01 -20.57
N LYS B 90 -27.03 30.04 -21.02
CA LYS B 90 -28.38 29.85 -21.52
C LYS B 90 -28.41 28.89 -22.70
N GLU B 91 -27.48 29.08 -23.63
CA GLU B 91 -27.46 28.31 -24.86
C GLU B 91 -26.06 27.92 -25.29
N PRO B 92 -25.93 26.80 -26.03
CA PRO B 92 -24.64 26.27 -26.47
C PRO B 92 -23.75 27.36 -27.06
N GLN B 93 -22.47 27.33 -26.71
CA GLN B 93 -21.51 28.28 -27.24
C GLN B 93 -20.64 27.61 -28.29
N VAL B 94 -20.45 28.27 -29.43
CA VAL B 94 -19.67 27.70 -30.53
C VAL B 94 -18.39 28.50 -30.77
N TYR B 95 -17.25 27.87 -30.49
CA TYR B 95 -15.96 28.53 -30.64
C TYR B 95 -15.25 28.02 -31.89
N LYS B 96 -15.12 28.92 -32.87
CA LYS B 96 -14.59 28.54 -34.17
C LYS B 96 -13.06 28.46 -34.14
N TRP B 97 -12.52 27.51 -34.88
CA TRP B 97 -11.08 27.31 -34.95
C TRP B 97 -10.48 28.09 -36.12
N ASP B 98 -9.50 28.93 -35.83
CA ASP B 98 -8.76 29.65 -36.87
C ASP B 98 -7.59 28.78 -37.32
N PRO B 99 -7.64 28.32 -38.59
CA PRO B 99 -6.69 27.33 -39.13
C PRO B 99 -5.30 27.89 -39.31
N GLU B 100 -5.20 29.19 -39.62
CA GLU B 100 -3.90 29.79 -39.86
C GLU B 100 -3.55 30.83 -38.80
N ILE C 1 1.83 7.80 -4.13
CA ILE C 1 0.68 6.92 -4.02
C ILE C 1 -0.53 7.65 -3.44
N ASP C 2 -1.71 7.25 -3.89
CA ASP C 2 -2.96 7.76 -3.36
C ASP C 2 -3.14 7.19 -1.95
N TRP C 3 -4.07 7.77 -1.19
CA TRP C 3 -4.20 7.46 0.24
C TRP C 3 -5.68 7.56 0.66
N PHE C 4 -6.02 6.93 1.78
CA PHE C 4 -7.39 6.94 2.29
C PHE C 4 -7.89 8.34 2.64
N ASP C 5 -9.09 8.68 2.20
CA ASP C 5 -9.81 9.83 2.74
C ASP C 5 -10.35 9.48 4.11
N GLY C 6 -10.51 10.49 4.96
CA GLY C 6 -11.09 10.29 6.27
C GLY C 6 -12.60 10.25 6.19
N LYS C 7 -13.23 9.63 7.19
CA LYS C 7 -14.68 9.54 7.22
C LYS C 7 -15.24 10.81 7.84
N GLU C 8 -16.29 11.34 7.23
CA GLU C 8 -16.88 12.59 7.73
C GLU C 8 -18.16 12.30 8.50
N GLU D 4 3.57 -31.55 -3.86
CA GLU D 4 3.39 -31.69 -2.42
C GLU D 4 2.48 -30.59 -1.88
N LEU D 5 2.04 -30.74 -0.63
CA LEU D 5 1.28 -29.68 0.03
C LEU D 5 2.18 -28.50 0.37
N HIS D 6 1.79 -27.31 -0.08
CA HIS D 6 2.53 -26.09 0.23
C HIS D 6 1.60 -25.05 0.88
N THR D 7 2.16 -24.25 1.77
CA THR D 7 1.36 -23.25 2.47
C THR D 7 2.02 -21.87 2.53
N LEU D 8 1.19 -20.84 2.37
CA LEU D 8 1.61 -19.47 2.61
C LEU D 8 0.74 -18.93 3.73
N ARG D 9 1.36 -18.33 4.74
CA ARG D 9 0.63 -17.90 5.91
C ARG D 9 1.18 -16.61 6.50
N TYR D 10 0.29 -15.67 6.79
CA TYR D 10 0.65 -14.42 7.44
C TYR D 10 -0.09 -14.29 8.77
N ILE D 11 0.67 -14.00 9.83
CA ILE D 11 0.05 -13.75 11.13
C ILE D 11 0.41 -12.34 11.61
N ARG D 12 -0.61 -11.64 12.07
CA ARG D 12 -0.49 -10.22 12.37
C ARG D 12 -0.96 -9.96 13.80
N THR D 13 -0.14 -9.27 14.57
CA THR D 13 -0.51 -8.92 15.94
C THR D 13 -0.36 -7.42 16.23
N ALA D 14 -1.44 -6.81 16.67
CA ALA D 14 -1.42 -5.42 17.11
C ALA D 14 -1.81 -5.37 18.58
N MET D 15 -0.93 -4.83 19.43
CA MET D 15 -1.15 -4.87 20.87
C MET D 15 -0.88 -3.54 21.55
N THR D 16 -1.60 -3.30 22.64
CA THR D 16 -1.45 -2.07 23.41
C THR D 16 -0.30 -2.15 24.41
N ASP D 17 0.08 -3.38 24.79
CA ASP D 17 1.09 -3.60 25.82
C ASP D 17 2.07 -4.69 25.43
N PRO D 18 3.02 -4.37 24.54
CA PRO D 18 3.95 -5.34 23.94
C PRO D 18 4.80 -6.17 24.92
N GLY D 19 5.52 -5.58 25.86
CA GLY D 19 5.67 -4.14 26.00
C GLY D 19 7.13 -3.72 25.87
N PRO D 20 7.91 -3.86 26.96
CA PRO D 20 9.27 -3.34 27.11
C PRO D 20 10.21 -3.75 25.98
N GLY D 21 10.69 -2.76 25.21
CA GLY D 21 11.63 -3.00 24.13
C GLY D 21 11.02 -3.75 22.97
N GLN D 22 9.69 -3.88 22.98
CA GLN D 22 8.98 -4.67 21.98
C GLN D 22 8.07 -3.80 21.12
N PRO D 23 8.02 -4.09 19.82
CA PRO D 23 7.16 -3.34 18.90
C PRO D 23 5.70 -3.68 19.13
N TRP D 24 4.81 -2.70 19.01
CA TRP D 24 3.39 -2.92 19.29
C TRP D 24 2.66 -3.58 18.12
N PHE D 25 3.26 -3.51 16.94
CA PHE D 25 2.68 -4.12 15.74
C PHE D 25 3.71 -4.97 15.02
N VAL D 26 3.33 -6.20 14.71
CA VAL D 26 4.24 -7.15 14.10
C VAL D 26 3.51 -8.00 13.07
N THR D 27 4.17 -8.24 11.93
CA THR D 27 3.67 -9.19 10.95
C THR D 27 4.80 -10.11 10.50
N VAL D 28 4.52 -11.40 10.47
CA VAL D 28 5.47 -12.37 9.94
C VAL D 28 4.79 -13.30 8.96
N GLY D 29 5.52 -13.72 7.93
CA GLY D 29 4.99 -14.58 6.90
C GLY D 29 5.79 -15.87 6.82
N TYR D 30 5.10 -16.96 6.52
CA TYR D 30 5.73 -18.28 6.46
C TYR D 30 5.38 -18.99 5.17
N VAL D 31 6.37 -19.63 4.56
CA VAL D 31 6.13 -20.54 3.45
C VAL D 31 6.51 -21.95 3.88
N ASP D 32 5.58 -22.89 3.74
CA ASP D 32 5.78 -24.25 4.22
C ASP D 32 6.28 -24.28 5.65
N GLY D 33 5.76 -23.36 6.47
CA GLY D 33 6.06 -23.36 7.89
C GLY D 33 7.34 -22.62 8.28
N GLU D 34 8.14 -22.22 7.29
CA GLU D 34 9.37 -21.49 7.60
C GLU D 34 9.24 -19.99 7.41
N LEU D 35 9.65 -19.25 8.44
CA LEU D 35 9.62 -17.79 8.42
C LEU D 35 10.48 -17.25 7.29
N PHE D 36 9.91 -16.38 6.47
CA PHE D 36 10.66 -15.84 5.33
C PHE D 36 10.56 -14.33 5.21
N VAL D 37 9.69 -13.72 6.00
CA VAL D 37 9.44 -12.29 5.89
C VAL D 37 8.92 -11.71 7.21
N HIS D 38 9.33 -10.48 7.53
CA HIS D 38 8.98 -9.87 8.81
C HIS D 38 8.83 -8.34 8.76
N TYR D 39 7.87 -7.82 9.50
CA TYR D 39 7.67 -6.38 9.63
C TYR D 39 7.21 -6.00 11.03
N ASN D 40 7.76 -4.92 11.57
CA ASN D 40 7.27 -4.40 12.85
C ASN D 40 7.25 -2.88 12.89
N SER D 41 6.50 -2.33 13.82
CA SER D 41 6.25 -0.89 13.88
C SER D 41 7.46 -0.09 14.37
N THR D 42 8.54 -0.77 14.68
CA THR D 42 9.75 -0.11 15.17
C THR D 42 10.70 0.19 14.03
N ALA D 43 10.98 -0.82 13.21
CA ALA D 43 11.81 -0.65 12.03
C ALA D 43 10.99 0.00 10.91
N ARG D 44 9.69 -0.26 10.90
CA ARG D 44 8.80 0.25 9.86
C ARG D 44 9.29 -0.14 8.47
N ARG D 45 9.75 -1.38 8.35
CA ARG D 45 10.25 -1.90 7.08
C ARG D 45 10.03 -3.40 7.00
N TYR D 46 9.53 -3.87 5.87
CA TYR D 46 9.48 -5.30 5.61
C TYR D 46 10.85 -5.80 5.21
N VAL D 47 11.32 -6.88 5.84
CA VAL D 47 12.65 -7.41 5.58
C VAL D 47 12.64 -8.90 5.27
N PRO D 48 13.57 -9.35 4.41
CA PRO D 48 13.71 -10.78 4.08
C PRO D 48 14.27 -11.56 5.26
N ARG D 49 13.86 -12.82 5.39
CA ARG D 49 14.35 -13.67 6.48
C ARG D 49 14.97 -14.97 5.95
N THR D 50 14.95 -15.13 4.64
CA THR D 50 15.67 -16.21 3.98
C THR D 50 16.44 -15.65 2.79
N GLU D 51 17.56 -16.29 2.44
CA GLU D 51 18.34 -15.87 1.28
C GLU D 51 17.48 -15.87 0.03
N TRP D 52 16.61 -16.85 -0.10
CA TRP D 52 15.88 -17.05 -1.34
C TRP D 52 14.82 -15.99 -1.63
N ILE D 53 14.21 -15.40 -0.60
CA ILE D 53 13.25 -14.34 -0.85
C ILE D 53 13.96 -13.07 -1.34
N ALA D 54 15.06 -12.72 -0.67
CA ALA D 54 15.81 -11.53 -1.05
C ALA D 54 16.47 -11.68 -2.42
N ALA D 55 16.84 -12.91 -2.78
CA ALA D 55 17.56 -13.13 -4.02
C ALA D 55 16.63 -13.19 -5.23
N ASN D 56 15.34 -13.32 -4.98
CA ASN D 56 14.37 -13.46 -6.08
C ASN D 56 13.35 -12.33 -6.19
N THR D 57 13.66 -11.19 -5.58
CA THR D 57 12.75 -10.05 -5.63
C THR D 57 13.48 -8.76 -6.03
N ASP D 58 12.75 -7.85 -6.66
CA ASP D 58 13.30 -6.54 -7.02
C ASP D 58 12.92 -5.51 -5.96
N GLN D 59 13.38 -4.28 -6.14
CA GLN D 59 13.09 -3.21 -5.19
C GLN D 59 11.60 -2.92 -5.09
N GLN D 60 10.89 -3.08 -6.20
CA GLN D 60 9.45 -2.82 -6.23
C GLN D 60 8.71 -3.71 -5.25
N TYR D 61 9.16 -4.96 -5.14
CA TYR D 61 8.59 -5.91 -4.20
C TYR D 61 8.56 -5.34 -2.78
N TRP D 62 9.70 -4.83 -2.34
CA TRP D 62 9.83 -4.35 -0.97
C TRP D 62 9.26 -2.95 -0.77
N ASP D 63 9.28 -2.14 -1.83
CA ASP D 63 8.57 -0.87 -1.79
C ASP D 63 7.11 -1.12 -1.46
N GLY D 64 6.51 -2.09 -2.15
CA GLY D 64 5.11 -2.40 -1.98
C GLY D 64 4.82 -3.02 -0.63
N GLN D 65 5.63 -4.00 -0.24
CA GLN D 65 5.43 -4.72 1.00
C GLN D 65 5.65 -3.85 2.23
N THR D 66 6.72 -3.06 2.22
CA THR D 66 6.94 -2.09 3.28
C THR D 66 5.76 -1.13 3.38
N GLN D 67 5.24 -0.71 2.23
CA GLN D 67 4.09 0.20 2.23
C GLN D 67 2.82 -0.47 2.78
N ILE D 68 2.63 -1.74 2.47
CA ILE D 68 1.49 -2.48 3.00
C ILE D 68 1.59 -2.53 4.52
N GLY D 69 2.79 -2.83 5.01
CA GLY D 69 3.03 -2.92 6.44
C GLY D 69 2.77 -1.62 7.17
N GLN D 70 3.13 -0.50 6.56
CA GLN D 70 2.93 0.81 7.17
C GLN D 70 1.46 1.21 7.16
N LEU D 71 0.76 0.79 6.12
CA LEU D 71 -0.68 1.00 6.04
C LEU D 71 -1.35 0.21 7.14
N ASN D 72 -1.06 -1.09 7.19
CA ASN D 72 -1.63 -1.99 8.20
C ASN D 72 -1.36 -1.51 9.62
N GLU D 73 -0.17 -1.00 9.85
CA GLU D 73 0.20 -0.46 11.16
C GLU D 73 -0.82 0.62 11.55
N GLN D 74 -1.08 1.52 10.63
CA GLN D 74 -2.03 2.61 10.84
C GLN D 74 -3.47 2.08 10.93
N ILE D 75 -3.80 1.13 10.06
CA ILE D 75 -5.14 0.53 10.03
C ILE D 75 -5.45 -0.20 11.33
N ASN D 76 -4.44 -0.86 11.88
CA ASN D 76 -4.60 -1.65 13.09
C ASN D 76 -4.64 -0.82 14.36
N ARG D 77 -3.93 0.31 14.35
CA ARG D 77 -3.99 1.20 15.49
C ARG D 77 -5.43 1.67 15.71
N GLU D 78 -6.10 2.03 14.62
CA GLU D 78 -7.47 2.51 14.72
C GLU D 78 -8.46 1.35 14.89
N ASN D 79 -8.16 0.20 14.30
CA ASN D 79 -9.00 -0.97 14.50
C ASN D 79 -8.96 -1.46 15.95
N LEU D 80 -7.81 -1.28 16.59
CA LEU D 80 -7.69 -1.55 18.02
C LEU D 80 -8.67 -0.68 18.81
N GLY D 81 -8.60 0.62 18.59
CA GLY D 81 -9.47 1.57 19.28
C GLY D 81 -10.93 1.25 19.07
N ILE D 82 -11.29 0.93 17.84
CA ILE D 82 -12.67 0.61 17.48
C ILE D 82 -13.21 -0.59 18.26
N ARG D 83 -12.45 -1.69 18.26
CA ARG D 83 -12.88 -2.90 18.95
C ARG D 83 -13.01 -2.65 20.46
N GLN D 84 -12.10 -1.88 21.02
CA GLN D 84 -12.17 -1.51 22.44
C GLN D 84 -13.48 -0.78 22.75
N ARG D 85 -13.74 0.31 22.04
CA ARG D 85 -14.98 1.07 22.20
C ARG D 85 -16.18 0.14 22.10
N ARG D 86 -16.10 -0.81 21.17
CA ARG D 86 -17.20 -1.71 20.89
C ARG D 86 -17.51 -2.60 22.10
N TYR D 87 -16.48 -2.91 22.88
CA TYR D 87 -16.64 -3.73 24.08
C TYR D 87 -16.75 -2.87 25.34
N ASN D 88 -16.97 -1.57 25.15
CA ASN D 88 -17.12 -0.64 26.26
C ASN D 88 -15.95 -0.69 27.23
N GLN D 89 -14.73 -0.83 26.69
CA GLN D 89 -13.55 -0.97 27.52
C GLN D 89 -12.77 0.33 27.61
N THR D 90 -12.49 0.76 28.84
CA THR D 90 -11.75 2.00 29.06
C THR D 90 -10.25 1.78 28.89
N GLY D 91 -9.70 0.85 29.66
CA GLY D 91 -8.28 0.55 29.59
C GLY D 91 -7.99 -0.94 29.60
N GLY D 92 -6.77 -1.29 29.97
CA GLY D 92 -6.36 -2.69 30.03
C GLY D 92 -5.57 -3.10 28.80
N SER D 93 -5.02 -4.31 28.84
CA SER D 93 -4.24 -4.84 27.73
C SER D 93 -5.14 -5.45 26.67
N HIS D 94 -4.96 -5.03 25.42
CA HIS D 94 -5.77 -5.56 24.34
C HIS D 94 -4.94 -5.92 23.11
N THR D 95 -5.49 -6.80 22.27
CA THR D 95 -4.80 -7.26 21.08
C THR D 95 -5.76 -7.50 19.92
N VAL D 96 -5.27 -7.27 18.71
CA VAL D 96 -5.97 -7.64 17.50
C VAL D 96 -5.05 -8.56 16.72
N GLN D 97 -5.57 -9.71 16.31
CA GLN D 97 -4.75 -10.65 15.54
C GLN D 97 -5.43 -11.00 14.23
N TRP D 98 -4.63 -11.19 13.20
CA TRP D 98 -5.12 -11.67 11.92
C TRP D 98 -4.29 -12.86 11.47
N MET D 99 -4.97 -13.91 11.03
CA MET D 99 -4.30 -15.07 10.47
C MET D 99 -4.93 -15.37 9.12
N PHE D 100 -4.13 -15.42 8.08
CA PHE D 100 -4.66 -15.64 6.75
C PHE D 100 -3.60 -16.22 5.82
N GLY D 101 -4.06 -16.82 4.73
CA GLY D 101 -3.16 -17.42 3.78
C GLY D 101 -3.86 -18.43 2.89
N CYS D 102 -3.07 -19.23 2.19
CA CYS D 102 -3.60 -20.17 1.22
C CYS D 102 -2.79 -21.47 1.22
N ASP D 103 -3.41 -22.55 0.77
CA ASP D 103 -2.72 -23.83 0.66
C ASP D 103 -2.83 -24.36 -0.75
N ILE D 104 -1.84 -25.15 -1.14
CA ILE D 104 -1.85 -25.83 -2.43
C ILE D 104 -1.64 -27.32 -2.18
N LEU D 105 -2.55 -28.15 -2.71
CA LEU D 105 -2.40 -29.59 -2.62
C LEU D 105 -1.97 -30.15 -3.97
N GLU D 106 -1.23 -31.25 -3.95
CA GLU D 106 -0.67 -31.83 -5.18
C GLU D 106 -1.66 -31.82 -6.35
N ASP D 107 -2.80 -32.46 -6.15
CA ASP D 107 -3.83 -32.57 -7.19
C ASP D 107 -4.13 -31.19 -7.82
N GLY D 108 -4.02 -30.15 -7.01
CA GLY D 108 -4.20 -28.80 -7.50
C GLY D 108 -5.36 -28.07 -6.86
N THR D 109 -5.91 -28.64 -5.79
CA THR D 109 -7.02 -28.01 -5.10
C THR D 109 -6.50 -26.88 -4.22
N ILE D 110 -7.25 -25.78 -4.17
CA ILE D 110 -6.81 -24.61 -3.43
C ILE D 110 -7.66 -24.33 -2.21
N ARG D 111 -7.01 -24.02 -1.11
CA ARG D 111 -7.69 -23.66 0.12
C ARG D 111 -7.30 -22.24 0.51
N GLY D 112 -8.21 -21.54 1.20
CA GLY D 112 -7.94 -20.18 1.63
C GLY D 112 -8.59 -19.88 2.96
N TYR D 113 -7.97 -19.00 3.73
CA TYR D 113 -8.51 -18.64 5.03
C TYR D 113 -8.06 -17.25 5.49
N ARG D 114 -8.92 -16.59 6.26
CA ARG D 114 -8.65 -15.28 6.82
C ARG D 114 -9.55 -15.04 8.01
N GLN D 115 -8.95 -14.96 9.19
CA GLN D 115 -9.72 -14.91 10.42
C GLN D 115 -9.07 -13.94 11.40
N SER D 116 -9.89 -13.40 12.29
CA SER D 116 -9.41 -12.42 13.25
C SER D 116 -9.88 -12.71 14.66
N ALA D 117 -9.11 -12.24 15.63
CA ALA D 117 -9.45 -12.40 17.03
C ALA D 117 -9.23 -11.09 17.76
N TYR D 118 -10.07 -10.83 18.76
CA TYR D 118 -9.87 -9.69 19.64
C TYR D 118 -9.61 -10.19 21.06
N ASP D 119 -8.47 -9.80 21.61
CA ASP D 119 -8.05 -10.28 22.92
C ASP D 119 -7.97 -11.80 22.95
N GLY D 120 -7.45 -12.38 21.87
CA GLY D 120 -7.16 -13.80 21.82
C GLY D 120 -8.36 -14.70 21.63
N ARG D 121 -9.50 -14.11 21.28
CA ARG D 121 -10.72 -14.89 21.05
C ARG D 121 -11.40 -14.49 19.74
N ASP D 122 -11.97 -15.49 19.07
CA ASP D 122 -12.60 -15.28 17.77
C ASP D 122 -13.47 -14.02 17.72
N PHE D 123 -13.29 -13.23 16.68
CA PHE D 123 -14.04 -11.99 16.52
C PHE D 123 -14.81 -12.01 15.20
N ILE D 124 -14.08 -12.08 14.09
CA ILE D 124 -14.71 -12.17 12.78
C ILE D 124 -13.83 -12.94 11.79
N ALA D 125 -14.45 -13.69 10.90
CA ALA D 125 -13.73 -14.48 9.91
C ALA D 125 -14.45 -14.49 8.57
N LEU D 126 -13.70 -14.76 7.51
CA LEU D 126 -14.26 -14.82 6.16
C LEU D 126 -14.74 -16.21 5.82
N ASP D 127 -15.80 -16.27 5.02
CA ASP D 127 -16.26 -17.53 4.43
C ASP D 127 -16.44 -17.28 2.93
N LYS D 128 -15.33 -17.19 2.22
CA LYS D 128 -15.34 -16.78 0.81
C LYS D 128 -16.14 -17.72 -0.07
N ASP D 129 -16.44 -18.91 0.43
CA ASP D 129 -17.27 -19.84 -0.31
C ASP D 129 -18.72 -19.36 -0.30
N MET D 130 -19.13 -18.78 0.82
CA MET D 130 -20.46 -18.20 0.95
C MET D 130 -20.42 -16.69 0.72
N LYS D 131 -19.26 -16.16 0.35
CA LYS D 131 -19.10 -14.75 0.02
C LYS D 131 -19.50 -13.83 1.16
N THR D 132 -19.28 -14.26 2.40
CA THR D 132 -19.71 -13.49 3.56
C THR D 132 -18.71 -13.53 4.71
N PHE D 133 -18.94 -12.66 5.70
CA PHE D 133 -18.17 -12.67 6.93
C PHE D 133 -19.02 -13.26 8.06
N THR D 134 -18.36 -14.01 8.94
CA THR D 134 -19.05 -14.59 10.07
C THR D 134 -18.67 -13.85 11.34
N ALA D 135 -19.67 -13.24 11.99
CA ALA D 135 -19.45 -12.53 13.23
C ALA D 135 -19.52 -13.50 14.41
N ALA D 136 -18.36 -13.84 14.96
CA ALA D 136 -18.28 -14.77 16.09
C ALA D 136 -18.95 -14.19 17.33
N VAL D 137 -18.94 -12.86 17.41
CA VAL D 137 -19.58 -12.15 18.50
C VAL D 137 -20.49 -11.04 17.98
N PRO D 138 -21.56 -10.73 18.73
CA PRO D 138 -22.46 -9.63 18.34
C PRO D 138 -21.68 -8.34 18.12
N GLU D 139 -20.58 -8.20 18.85
CA GLU D 139 -19.75 -7.00 18.77
C GLU D 139 -19.08 -6.84 17.40
N ALA D 140 -19.17 -7.86 16.56
CA ALA D 140 -18.53 -7.81 15.24
C ALA D 140 -19.57 -7.67 14.12
N VAL D 141 -20.84 -7.73 14.47
CA VAL D 141 -21.92 -7.66 13.48
C VAL D 141 -21.87 -6.38 12.63
N PRO D 142 -21.74 -5.22 13.28
CA PRO D 142 -21.70 -3.97 12.51
C PRO D 142 -20.61 -4.00 11.43
N THR D 143 -19.48 -4.62 11.74
CA THR D 143 -18.37 -4.74 10.80
C THR D 143 -18.69 -5.75 9.71
N LYS D 144 -19.42 -6.80 10.07
CA LYS D 144 -19.85 -7.81 9.11
C LYS D 144 -20.67 -7.19 7.98
N ARG D 145 -21.77 -6.53 8.34
CA ARG D 145 -22.67 -5.98 7.33
C ARG D 145 -22.05 -4.80 6.59
N LYS D 146 -21.22 -4.02 7.28
CA LYS D 146 -20.53 -2.90 6.64
C LYS D 146 -19.57 -3.38 5.56
N TRP D 147 -18.79 -4.42 5.87
CA TRP D 147 -17.87 -4.98 4.89
C TRP D 147 -18.62 -5.64 3.74
N GLU D 148 -19.77 -6.23 4.04
CA GLU D 148 -20.54 -6.93 3.03
C GLU D 148 -21.19 -5.99 2.03
N GLU D 149 -21.32 -4.72 2.39
CA GLU D 149 -21.86 -3.72 1.47
C GLU D 149 -20.76 -2.85 0.86
N GLU D 150 -19.52 -3.17 1.18
CA GLU D 150 -18.37 -2.51 0.58
C GLU D 150 -17.64 -3.46 -0.35
N SER D 151 -18.13 -4.70 -0.42
CA SER D 151 -17.53 -5.73 -1.26
C SER D 151 -16.21 -6.26 -0.71
N GLU D 152 -16.03 -6.17 0.61
CA GLU D 152 -14.85 -6.75 1.26
C GLU D 152 -14.70 -8.24 0.95
N PRO D 153 -15.80 -9.00 1.04
CA PRO D 153 -15.68 -10.44 0.77
C PRO D 153 -15.11 -10.70 -0.61
N GLU D 154 -15.29 -9.75 -1.52
CA GLU D 154 -14.83 -9.92 -2.89
C GLU D 154 -13.33 -9.76 -3.04
N ARG D 155 -12.77 -8.69 -2.48
CA ARG D 155 -11.35 -8.44 -2.65
C ARG D 155 -10.49 -9.42 -1.87
N TRP D 156 -11.09 -10.10 -0.90
CA TRP D 156 -10.39 -11.12 -0.12
C TRP D 156 -10.51 -12.52 -0.73
N LYS D 157 -11.62 -12.76 -1.44
CA LYS D 157 -11.73 -13.96 -2.24
C LYS D 157 -10.70 -13.89 -3.37
N ASN D 158 -10.57 -12.70 -3.96
CA ASN D 158 -9.61 -12.48 -5.02
C ASN D 158 -8.18 -12.68 -4.54
N TYR D 159 -7.85 -12.11 -3.38
CA TYR D 159 -6.51 -12.27 -2.83
C TYR D 159 -6.21 -13.73 -2.50
N LEU D 160 -7.13 -14.40 -1.83
CA LEU D 160 -6.90 -15.76 -1.36
C LEU D 160 -6.82 -16.76 -2.51
N GLU D 161 -7.69 -16.61 -3.50
CA GLU D 161 -7.76 -17.55 -4.61
C GLU D 161 -6.75 -17.25 -5.72
N GLU D 162 -6.42 -15.97 -5.90
CA GLU D 162 -5.54 -15.55 -6.99
C GLU D 162 -4.15 -15.16 -6.53
N THR D 163 -4.07 -13.95 -5.98
CA THR D 163 -2.80 -13.35 -5.57
C THR D 163 -1.98 -14.24 -4.63
N CYS D 164 -2.64 -14.73 -3.58
CA CYS D 164 -1.96 -15.59 -2.59
C CYS D 164 -1.39 -16.85 -3.23
N VAL D 165 -2.19 -17.50 -4.08
CA VAL D 165 -1.78 -18.74 -4.72
C VAL D 165 -0.63 -18.51 -5.69
N GLU D 166 -0.75 -17.48 -6.52
CA GLU D 166 0.26 -17.17 -7.52
C GLU D 166 1.61 -16.90 -6.87
N TRP D 167 1.60 -16.19 -5.76
CA TRP D 167 2.83 -15.86 -5.04
C TRP D 167 3.41 -17.06 -4.30
N LEU D 168 2.54 -17.89 -3.74
CA LEU D 168 2.99 -19.11 -3.08
C LEU D 168 3.76 -19.99 -4.06
N ARG D 169 3.20 -20.15 -5.25
CA ARG D 169 3.83 -20.97 -6.28
C ARG D 169 5.25 -20.48 -6.57
N ARG D 170 5.41 -19.16 -6.63
CA ARG D 170 6.72 -18.57 -6.88
C ARG D 170 7.65 -18.78 -5.70
N TYR D 171 7.14 -18.55 -4.49
CA TYR D 171 7.95 -18.70 -3.28
C TYR D 171 8.50 -20.11 -3.17
N VAL D 172 7.66 -21.08 -3.49
CA VAL D 172 8.06 -22.49 -3.43
C VAL D 172 9.22 -22.77 -4.41
N GLU D 173 9.19 -22.14 -5.57
CA GLU D 173 10.27 -22.29 -6.55
C GLU D 173 11.55 -21.60 -6.08
N TYR D 174 11.40 -20.37 -5.57
CA TYR D 174 12.55 -19.62 -5.06
C TYR D 174 13.28 -20.40 -3.98
N GLY D 175 12.53 -20.89 -3.00
CA GLY D 175 13.13 -21.57 -1.86
C GLY D 175 13.19 -23.08 -2.00
N LYS D 176 13.17 -23.56 -3.24
CA LYS D 176 13.12 -25.01 -3.50
C LYS D 176 14.23 -25.77 -2.78
N ALA D 177 15.47 -25.30 -2.92
CA ALA D 177 16.61 -25.98 -2.30
C ALA D 177 16.54 -25.96 -0.77
N GLU D 178 16.29 -24.78 -0.21
CA GLU D 178 16.26 -24.61 1.24
C GLU D 178 15.05 -25.31 1.88
N LEU D 179 13.87 -25.10 1.29
CA LEU D 179 12.65 -25.70 1.81
C LEU D 179 12.67 -27.22 1.66
N GLY D 180 13.36 -27.70 0.64
CA GLY D 180 13.39 -29.12 0.35
C GLY D 180 14.55 -29.87 0.97
N ARG D 181 15.38 -29.16 1.72
CA ARG D 181 16.54 -29.78 2.36
C ARG D 181 16.11 -30.74 3.45
N ARG D 182 17.03 -31.63 3.83
CA ARG D 182 16.81 -32.56 4.93
C ARG D 182 17.98 -32.51 5.89
N GLU D 183 17.70 -32.19 7.14
CA GLU D 183 18.73 -32.24 8.17
C GLU D 183 18.38 -33.35 9.15
N ARG D 184 19.28 -34.33 9.26
CA ARG D 184 19.06 -35.46 10.16
C ARG D 184 19.26 -35.05 11.60
N PRO D 185 18.38 -35.54 12.49
CA PRO D 185 18.49 -35.22 13.92
C PRO D 185 19.66 -35.96 14.57
N GLU D 186 20.28 -35.33 15.56
CA GLU D 186 21.21 -36.03 16.44
C GLU D 186 20.37 -36.63 17.55
N VAL D 187 20.30 -37.95 17.60
CA VAL D 187 19.42 -38.64 18.53
C VAL D 187 20.17 -39.21 19.73
N ARG D 188 19.58 -39.03 20.91
CA ARG D 188 20.17 -39.55 22.14
C ARG D 188 19.13 -40.31 22.95
N VAL D 189 19.52 -41.46 23.46
CA VAL D 189 18.69 -42.20 24.41
C VAL D 189 19.33 -42.15 25.79
N TRP D 190 18.59 -41.63 26.75
CA TRP D 190 19.07 -41.54 28.13
C TRP D 190 18.22 -42.41 29.04
N GLY D 191 18.88 -43.16 29.91
CA GLY D 191 18.17 -44.04 30.83
C GLY D 191 18.71 -43.93 32.24
N LYS D 192 17.82 -44.10 33.21
CA LYS D 192 18.21 -44.04 34.62
C LYS D 192 17.22 -44.79 35.50
N GLU D 193 17.74 -45.70 36.31
CA GLU D 193 16.92 -46.47 37.24
C GLU D 193 17.06 -45.91 38.66
N ALA D 194 15.94 -45.48 39.22
CA ALA D 194 15.90 -45.01 40.60
C ALA D 194 14.52 -45.20 41.20
N ASP D 195 14.46 -45.49 42.50
CA ASP D 195 13.18 -45.64 43.19
C ASP D 195 12.31 -46.74 42.58
N GLY D 196 12.95 -47.76 42.01
CA GLY D 196 12.24 -48.84 41.37
C GLY D 196 11.57 -48.44 40.07
N ILE D 197 12.09 -47.39 39.44
CA ILE D 197 11.57 -46.92 38.16
C ILE D 197 12.71 -46.66 37.18
N LEU D 198 12.62 -47.28 36.01
CA LEU D 198 13.56 -46.99 34.93
C LEU D 198 12.97 -45.89 34.05
N THR D 199 13.56 -44.72 34.09
CA THR D 199 13.09 -43.61 33.26
C THR D 199 13.91 -43.51 31.99
N LEU D 200 13.24 -43.70 30.85
CA LEU D 200 13.90 -43.62 29.56
C LEU D 200 13.49 -42.36 28.81
N SER D 201 14.48 -41.66 28.27
CA SER D 201 14.23 -40.46 27.48
C SER D 201 14.89 -40.56 26.12
N CYS D 202 14.13 -40.21 25.08
CA CYS D 202 14.67 -40.17 23.72
C CYS D 202 14.55 -38.76 23.16
N ARG D 203 15.70 -38.14 22.87
CA ARG D 203 15.74 -36.77 22.35
C ARG D 203 16.25 -36.73 20.92
N ALA D 204 15.70 -35.83 20.12
CA ALA D 204 16.17 -35.60 18.77
C ALA D 204 16.51 -34.13 18.56
N HIS D 205 17.74 -33.85 18.12
CA HIS D 205 18.22 -32.48 17.98
C HIS D 205 18.37 -32.04 16.53
N GLY D 206 17.92 -30.83 16.24
CA GLY D 206 18.21 -30.16 14.98
C GLY D 206 17.73 -30.82 13.70
N PHE D 207 16.54 -31.39 13.72
CA PHE D 207 16.00 -31.99 12.51
C PHE D 207 15.19 -31.00 11.66
N TYR D 208 15.29 -31.16 10.34
CA TYR D 208 14.45 -30.43 9.40
C TYR D 208 14.06 -31.36 8.25
N PRO D 209 12.80 -31.29 7.80
CA PRO D 209 11.74 -30.37 8.23
C PRO D 209 11.09 -30.71 9.57
N ARG D 210 10.09 -29.91 9.94
CA ARG D 210 9.46 -29.96 11.24
C ARG D 210 8.78 -31.30 11.60
N PRO D 211 7.99 -31.85 10.67
CA PRO D 211 7.28 -33.09 11.00
C PRO D 211 8.24 -34.20 11.42
N ILE D 212 7.92 -34.86 12.53
CA ILE D 212 8.70 -35.97 13.03
C ILE D 212 7.83 -36.79 13.97
N VAL D 213 8.13 -38.08 14.09
CA VAL D 213 7.46 -38.92 15.08
C VAL D 213 8.51 -39.70 15.87
N VAL D 214 8.55 -39.46 17.18
CA VAL D 214 9.43 -40.19 18.06
C VAL D 214 8.61 -41.06 18.99
N SER D 215 8.79 -42.38 18.88
CA SER D 215 7.99 -43.34 19.63
C SER D 215 8.88 -44.28 20.43
N TRP D 216 8.39 -44.70 21.58
CA TRP D 216 9.03 -45.76 22.34
C TRP D 216 8.32 -47.07 22.03
N LEU D 217 9.11 -48.10 21.70
CA LEU D 217 8.55 -49.39 21.36
C LEU D 217 9.12 -50.46 22.31
N LYS D 218 8.28 -51.42 22.66
CA LYS D 218 8.70 -52.50 23.53
C LYS D 218 8.62 -53.84 22.81
N ASP D 219 9.74 -54.58 22.81
CA ASP D 219 9.78 -55.89 22.18
C ASP D 219 9.38 -55.86 20.71
N GLY D 220 9.65 -54.74 20.04
CA GLY D 220 9.43 -54.66 18.61
C GLY D 220 8.36 -53.68 18.16
N ALA D 221 7.29 -54.20 17.58
CA ALA D 221 6.26 -53.36 16.97
C ALA D 221 5.23 -52.84 17.98
N VAL D 222 5.28 -53.33 19.21
CA VAL D 222 4.34 -52.90 20.23
C VAL D 222 4.74 -51.54 20.81
N ARG D 223 3.81 -50.58 20.80
CA ARG D 223 4.07 -49.27 21.37
C ARG D 223 4.14 -49.35 22.88
N GLY D 224 4.89 -48.43 23.49
CA GLY D 224 4.96 -48.33 24.93
C GLY D 224 3.78 -47.53 25.45
N GLN D 225 3.39 -47.80 26.70
CA GLN D 225 2.25 -47.13 27.29
C GLN D 225 2.63 -45.94 28.18
N ASP D 226 1.85 -44.87 28.07
CA ASP D 226 2.03 -43.69 28.93
C ASP D 226 3.29 -42.89 28.62
N ALA D 227 3.71 -42.91 27.37
CA ALA D 227 4.82 -42.06 26.94
C ALA D 227 4.41 -40.60 27.07
N HIS D 228 5.36 -39.75 27.44
CA HIS D 228 5.12 -38.32 27.52
C HIS D 228 6.08 -37.57 26.61
N SER D 229 5.58 -36.49 26.00
CA SER D 229 6.39 -35.70 25.08
C SER D 229 6.18 -34.21 25.30
N GLY D 230 7.16 -33.41 24.90
CA GLY D 230 7.06 -31.97 24.99
C GLY D 230 6.58 -31.37 23.68
N GLY D 231 6.25 -32.24 22.73
CA GLY D 231 5.85 -31.79 21.40
C GLY D 231 7.06 -31.27 20.63
N ILE D 232 6.81 -30.81 19.40
CA ILE D 232 7.88 -30.31 18.55
C ILE D 232 8.11 -28.82 18.79
N VAL D 233 9.33 -28.49 19.22
CA VAL D 233 9.67 -27.11 19.57
C VAL D 233 10.85 -26.64 18.72
N PRO D 234 10.90 -25.34 18.41
CA PRO D 234 11.83 -24.83 17.41
C PRO D 234 13.22 -24.51 17.96
N ASN D 235 14.25 -24.68 17.13
CA ASN D 235 15.58 -24.15 17.42
C ASN D 235 15.70 -22.77 16.77
N GLY D 236 16.80 -22.09 17.05
CA GLY D 236 17.01 -20.75 16.52
C GLY D 236 17.55 -20.71 15.09
N ASP D 237 17.98 -21.86 14.57
CA ASP D 237 18.61 -21.91 13.26
C ASP D 237 17.72 -22.49 12.17
N GLY D 238 16.43 -22.61 12.45
CA GLY D 238 15.49 -23.13 11.47
C GLY D 238 15.24 -24.62 11.61
N THR D 239 15.92 -25.26 12.55
CA THR D 239 15.67 -26.67 12.84
C THR D 239 14.74 -26.83 14.04
N TYR D 240 14.44 -28.08 14.40
CA TYR D 240 13.49 -28.36 15.47
C TYR D 240 14.01 -29.37 16.48
N HIS D 241 13.25 -29.56 17.55
CA HIS D 241 13.68 -30.37 18.68
C HIS D 241 12.47 -31.03 19.32
N THR D 242 12.66 -32.23 19.84
CA THR D 242 11.59 -32.91 20.56
C THR D 242 12.16 -34.01 21.47
N TRP D 243 11.43 -34.30 22.55
CA TRP D 243 11.79 -35.39 23.44
C TRP D 243 10.57 -36.22 23.79
N VAL D 244 10.78 -37.52 23.95
CA VAL D 244 9.72 -38.41 24.41
C VAL D 244 10.26 -39.26 25.55
N THR D 245 9.52 -39.31 26.64
CA THR D 245 9.97 -40.03 27.82
C THR D 245 8.97 -41.11 28.18
N ILE D 246 9.45 -42.18 28.80
CA ILE D 246 8.59 -43.28 29.20
C ILE D 246 9.15 -43.96 30.45
N GLU D 247 8.26 -44.54 31.26
CA GLU D 247 8.67 -45.24 32.46
C GLU D 247 8.59 -46.75 32.27
N ALA D 248 9.56 -47.45 32.84
CA ALA D 248 9.61 -48.89 32.75
C ALA D 248 10.09 -49.46 34.08
N GLN D 249 10.16 -50.79 34.15
CA GLN D 249 10.66 -51.43 35.36
C GLN D 249 12.16 -51.67 35.26
N PRO D 250 12.85 -51.64 36.41
CA PRO D 250 14.29 -51.92 36.43
C PRO D 250 14.58 -53.24 35.73
N GLY D 251 15.63 -53.27 34.91
CA GLY D 251 16.02 -54.47 34.20
C GLY D 251 15.40 -54.58 32.82
N ASP D 252 14.45 -53.69 32.52
CA ASP D 252 13.76 -53.74 31.23
C ASP D 252 14.42 -52.87 30.15
N GLY D 253 15.60 -52.35 30.45
CA GLY D 253 16.32 -51.50 29.52
C GLY D 253 16.40 -52.04 28.10
N ASP D 254 16.78 -53.31 27.97
CA ASP D 254 16.97 -53.89 26.65
C ASP D 254 15.68 -54.33 25.96
N LYS D 255 14.54 -54.06 26.58
CA LYS D 255 13.25 -54.37 25.98
C LYS D 255 12.70 -53.22 25.15
N TYR D 256 13.31 -52.04 25.29
CA TYR D 256 12.75 -50.85 24.66
C TYR D 256 13.64 -50.26 23.57
N GLN D 257 13.00 -49.77 22.51
CA GLN D 257 13.70 -49.12 21.42
C GLN D 257 13.00 -47.80 21.09
N CYS D 258 13.79 -46.75 20.86
CA CYS D 258 13.25 -45.48 20.39
C CYS D 258 13.28 -45.46 18.87
N ARG D 259 12.12 -45.22 18.26
CA ARG D 259 12.02 -45.15 16.81
C ARG D 259 11.82 -43.71 16.36
N VAL D 260 12.68 -43.27 15.44
CA VAL D 260 12.60 -41.91 14.93
C VAL D 260 12.20 -41.92 13.46
N GLU D 261 10.98 -41.49 13.18
CA GLU D 261 10.49 -41.39 11.82
C GLU D 261 10.60 -39.95 11.34
N HIS D 262 11.43 -39.73 10.33
CA HIS D 262 11.66 -38.39 9.81
C HIS D 262 11.98 -38.45 8.33
N ALA D 263 11.68 -37.37 7.62
CA ALA D 263 11.86 -37.32 6.17
C ALA D 263 13.33 -37.44 5.76
N SER D 264 14.23 -37.10 6.67
CA SER D 264 15.67 -37.19 6.38
C SER D 264 16.16 -38.63 6.47
N LEU D 265 15.30 -39.54 6.93
CA LEU D 265 15.68 -40.93 7.15
C LEU D 265 14.88 -41.88 6.27
N PRO D 266 15.55 -42.54 5.32
CA PRO D 266 14.90 -43.48 4.40
C PRO D 266 14.17 -44.56 5.17
N GLN D 267 14.77 -44.96 6.28
CA GLN D 267 14.18 -45.94 7.18
C GLN D 267 14.21 -45.33 8.57
N PRO D 268 13.10 -45.44 9.31
CA PRO D 268 13.08 -44.87 10.67
C PRO D 268 14.24 -45.40 11.51
N GLY D 269 14.86 -44.52 12.29
CA GLY D 269 15.99 -44.91 13.12
C GLY D 269 15.56 -45.62 14.39
N LEU D 270 16.28 -46.67 14.74
CA LEU D 270 16.02 -47.40 15.98
C LEU D 270 17.21 -47.25 16.93
N TYR D 271 16.94 -46.71 18.11
CA TYR D 271 17.99 -46.45 19.09
C TYR D 271 17.72 -47.19 20.40
N SER D 272 18.77 -47.72 21.00
CA SER D 272 18.66 -48.44 22.27
C SER D 272 19.40 -47.69 23.38
N TRP D 273 19.09 -48.03 24.63
CA TRP D 273 19.82 -47.49 25.76
C TRP D 273 21.13 -48.26 25.89
N LYS D 274 22.22 -47.64 25.44
CA LYS D 274 23.53 -48.29 25.44
C LYS D 274 24.53 -47.57 26.34
N LEU D 275 24.29 -46.29 26.56
CA LEU D 275 25.23 -45.46 27.28
C LEU D 275 24.53 -44.55 28.27
N ASP E 4 -7.03 -22.03 30.38
CA ASP E 4 -5.66 -22.05 30.87
C ASP E 4 -4.71 -21.36 29.90
N LEU E 5 -4.38 -20.11 30.19
CA LEU E 5 -3.52 -19.34 29.30
C LEU E 5 -2.18 -19.02 29.95
N THR E 6 -1.71 -19.94 30.80
CA THR E 6 -0.40 -19.81 31.40
C THR E 6 0.68 -20.31 30.44
N PRO E 7 1.88 -19.72 30.49
CA PRO E 7 2.96 -20.14 29.60
C PRO E 7 3.37 -21.59 29.84
N LYS E 8 3.35 -22.40 28.79
CA LYS E 8 3.90 -23.75 28.84
C LYS E 8 5.34 -23.68 28.37
N VAL E 9 6.28 -23.94 29.29
CA VAL E 9 7.69 -23.68 29.04
C VAL E 9 8.54 -24.94 28.89
N GLN E 10 9.47 -24.90 27.94
CA GLN E 10 10.43 -25.98 27.75
C GLN E 10 11.83 -25.41 27.61
N VAL E 11 12.80 -26.11 28.21
CA VAL E 11 14.19 -25.71 28.13
C VAL E 11 15.00 -26.85 27.51
N TYR E 12 15.85 -26.51 26.55
CA TYR E 12 16.59 -27.52 25.81
C TYR E 12 17.77 -26.89 25.08
N SER E 13 18.74 -27.73 24.71
CA SER E 13 19.91 -27.26 23.98
C SER E 13 19.81 -27.61 22.50
N ARG E 14 20.50 -26.84 21.67
CA ARG E 14 20.49 -27.07 20.23
C ARG E 14 21.14 -28.40 19.87
N PHE E 15 22.31 -28.65 20.45
CA PHE E 15 23.03 -29.90 20.23
C PHE E 15 23.03 -30.71 21.52
N PRO E 16 23.23 -32.03 21.40
CA PRO E 16 23.45 -32.83 22.61
C PRO E 16 24.54 -32.16 23.43
N ALA E 17 24.28 -31.95 24.71
CA ALA E 17 25.11 -31.10 25.53
C ALA E 17 26.33 -31.82 26.10
N SER E 18 27.41 -31.05 26.28
CA SER E 18 28.65 -31.58 26.82
C SER E 18 29.47 -30.43 27.39
N ALA E 19 29.83 -30.54 28.66
CA ALA E 19 30.62 -29.50 29.32
C ALA E 19 31.86 -29.16 28.52
N GLY E 20 31.96 -27.91 28.09
CA GLY E 20 33.13 -27.44 27.37
C GLY E 20 32.95 -27.28 25.87
N THR E 21 31.82 -27.74 25.36
CA THR E 21 31.53 -27.65 23.94
C THR E 21 30.49 -26.58 23.64
N LYS E 22 30.84 -25.64 22.77
CA LYS E 22 29.93 -24.57 22.37
C LYS E 22 28.57 -25.14 21.99
N ASN E 23 27.51 -24.41 22.33
CA ASN E 23 26.15 -24.89 22.14
C ASN E 23 25.19 -23.71 22.18
N VAL E 24 23.90 -24.00 22.19
CA VAL E 24 22.87 -22.97 22.27
C VAL E 24 21.80 -23.42 23.25
N LEU E 25 21.48 -22.55 24.20
CA LEU E 25 20.40 -22.83 25.15
C LEU E 25 19.11 -22.18 24.69
N ASN E 26 18.04 -22.96 24.65
CA ASN E 26 16.74 -22.48 24.19
C ASN E 26 15.70 -22.55 25.30
N CYS E 27 14.86 -21.52 25.38
CA CYS E 27 13.68 -21.55 26.23
C CYS E 27 12.46 -21.17 25.42
N PHE E 28 11.51 -22.08 25.34
CA PHE E 28 10.33 -21.91 24.49
C PHE E 28 9.08 -21.82 25.35
N ALA E 29 8.36 -20.71 25.22
CA ALA E 29 7.10 -20.53 25.91
C ALA E 29 5.98 -20.49 24.89
N ALA E 30 4.87 -21.16 25.19
CA ALA E 30 3.74 -21.23 24.26
C ALA E 30 2.40 -21.29 24.99
N GLY E 31 1.33 -21.17 24.22
CA GLY E 31 -0.03 -21.30 24.73
C GLY E 31 -0.50 -20.23 25.69
N PHE E 32 0.08 -19.03 25.60
CA PHE E 32 -0.22 -17.99 26.58
C PHE E 32 -0.85 -16.70 26.02
N HIS E 33 -1.55 -15.99 26.91
CA HIS E 33 -2.15 -14.69 26.60
C HIS E 33 -2.27 -13.91 27.90
N PRO E 34 -2.05 -12.59 27.86
CA PRO E 34 -1.70 -11.74 26.71
C PRO E 34 -0.31 -12.03 26.16
N PRO E 35 0.04 -11.43 25.00
CA PRO E 35 1.31 -11.66 24.31
C PRO E 35 2.51 -11.24 25.15
N LYS E 36 2.31 -10.27 26.05
CA LYS E 36 3.41 -9.73 26.87
C LYS E 36 3.97 -10.78 27.81
N ILE E 37 5.29 -10.90 27.85
CA ILE E 37 5.93 -11.94 28.64
C ILE E 37 7.41 -11.64 28.87
N SER E 38 7.90 -12.02 30.04
CA SER E 38 9.31 -11.88 30.35
C SER E 38 9.93 -13.27 30.42
N ILE E 39 10.99 -13.48 29.65
CA ILE E 39 11.65 -14.77 29.59
C ILE E 39 13.16 -14.58 29.69
N THR E 40 13.75 -15.13 30.74
CA THR E 40 15.18 -14.95 30.99
C THR E 40 15.94 -16.26 31.19
N LEU E 41 16.96 -16.46 30.38
CA LEU E 41 17.85 -17.61 30.53
C LEU E 41 18.81 -17.33 31.67
N MET E 42 19.11 -18.36 32.46
CA MET E 42 19.97 -18.14 33.62
C MET E 42 20.93 -19.28 33.91
N LYS E 43 22.11 -18.90 34.41
CA LYS E 43 23.15 -19.85 34.78
C LYS E 43 23.47 -19.68 36.26
N ASP E 44 23.28 -20.76 37.02
CA ASP E 44 23.58 -20.74 38.45
C ASP E 44 22.90 -19.57 39.17
N GLY E 45 21.66 -19.29 38.79
CA GLY E 45 20.87 -18.26 39.43
C GLY E 45 21.18 -16.85 38.97
N VAL E 46 21.85 -16.73 37.82
CA VAL E 46 22.23 -15.43 37.28
C VAL E 46 21.92 -15.36 35.79
N PRO E 47 21.29 -14.26 35.34
CA PRO E 47 20.91 -14.08 33.93
C PRO E 47 22.07 -14.24 32.97
N MET E 48 21.91 -15.08 31.96
CA MET E 48 22.95 -15.27 30.96
C MET E 48 22.95 -14.10 29.99
N GLU E 49 24.12 -13.78 29.45
CA GLU E 49 24.25 -12.69 28.51
C GLU E 49 24.18 -13.21 27.07
N GLY E 50 23.62 -12.41 26.17
CA GLY E 50 23.56 -12.76 24.76
C GLY E 50 22.27 -13.42 24.33
N ALA E 51 21.20 -13.17 25.07
CA ALA E 51 19.90 -13.76 24.78
C ALA E 51 19.25 -13.13 23.56
N GLN E 52 18.85 -13.98 22.61
CA GLN E 52 18.15 -13.52 21.41
C GLN E 52 16.68 -13.91 21.49
N TYR E 53 15.80 -13.01 21.09
CA TYR E 53 14.36 -13.23 21.22
C TYR E 53 13.67 -13.33 19.87
N SER E 54 12.76 -14.28 19.74
CA SER E 54 11.97 -14.44 18.51
C SER E 54 10.90 -13.37 18.42
N ASP E 55 10.52 -13.01 17.20
CA ASP E 55 9.48 -12.02 16.98
C ASP E 55 8.11 -12.58 17.36
N MET E 56 7.28 -11.75 17.98
CA MET E 56 5.99 -12.21 18.51
C MET E 56 5.19 -12.99 17.46
N SER E 57 4.79 -14.19 17.83
CA SER E 57 4.09 -15.10 16.92
C SER E 57 3.02 -15.90 17.68
N PHE E 58 2.07 -16.47 16.94
CA PHE E 58 1.01 -17.23 17.58
C PHE E 58 0.54 -18.44 16.77
N ASN E 59 -0.21 -19.32 17.42
CA ASN E 59 -0.71 -20.54 16.79
C ASN E 59 -2.14 -20.39 16.29
N ASP E 60 -2.66 -21.47 15.70
CA ASP E 60 -4.00 -21.48 15.12
C ASP E 60 -5.07 -21.11 16.15
N ASP E 61 -4.80 -21.37 17.42
CA ASP E 61 -5.77 -21.09 18.47
C ASP E 61 -5.57 -19.72 19.10
N TRP E 62 -4.78 -18.89 18.43
CA TRP E 62 -4.56 -17.50 18.84
C TRP E 62 -3.58 -17.34 20.00
N THR E 63 -3.23 -18.44 20.67
CA THR E 63 -2.30 -18.34 21.79
C THR E 63 -0.90 -18.01 21.32
N PHE E 64 -0.21 -17.17 22.08
CA PHE E 64 1.11 -16.71 21.68
C PHE E 64 2.22 -17.67 22.09
N GLN E 65 3.38 -17.47 21.49
CA GLN E 65 4.55 -18.27 21.83
C GLN E 65 5.81 -17.47 21.48
N ARG E 66 6.87 -17.68 22.26
CA ARG E 66 8.14 -17.04 21.98
C ARG E 66 9.30 -17.97 22.25
N LEU E 67 10.33 -17.88 21.42
CA LEU E 67 11.57 -18.60 21.62
C LEU E 67 12.65 -17.62 22.05
N VAL E 68 13.36 -17.97 23.11
CA VAL E 68 14.53 -17.21 23.54
C VAL E 68 15.74 -18.12 23.51
N HIS E 69 16.80 -17.70 22.84
CA HIS E 69 17.99 -18.54 22.74
C HIS E 69 19.28 -17.76 22.89
N ALA E 70 20.31 -18.41 23.44
CA ALA E 70 21.60 -17.78 23.64
C ALA E 70 22.72 -18.78 23.44
N ASP E 71 23.75 -18.36 22.72
CA ASP E 71 24.97 -19.16 22.60
C ASP E 71 25.58 -19.32 23.98
N PHE E 72 26.09 -20.51 24.26
CA PHE E 72 26.77 -20.75 25.52
C PHE E 72 27.62 -22.01 25.47
N THR E 73 28.56 -22.09 26.40
CA THR E 73 29.36 -23.30 26.57
C THR E 73 29.07 -23.84 27.96
N PRO E 74 28.38 -24.99 28.03
CA PRO E 74 28.02 -25.57 29.33
C PRO E 74 29.24 -25.72 30.21
N SER E 75 29.10 -25.37 31.48
CA SER E 75 30.19 -25.49 32.44
C SER E 75 29.92 -26.64 33.40
N SER E 76 30.94 -27.49 33.60
CA SER E 76 30.80 -28.66 34.46
C SER E 76 30.12 -28.31 35.79
N GLY E 77 29.12 -29.09 36.16
CA GLY E 77 28.47 -28.92 37.44
C GLY E 77 27.55 -27.71 37.58
N SER E 78 27.47 -26.90 36.52
CA SER E 78 26.60 -25.71 36.56
C SER E 78 25.13 -26.07 36.32
N THR E 79 24.24 -25.23 36.86
CA THR E 79 22.81 -25.40 36.69
C THR E 79 22.25 -24.28 35.80
N TYR E 80 21.51 -24.67 34.76
CA TYR E 80 20.90 -23.68 33.86
C TYR E 80 19.38 -23.75 33.94
N ALA E 81 18.72 -22.63 33.73
CA ALA E 81 17.28 -22.56 33.86
C ALA E 81 16.68 -21.40 33.07
N CYS E 82 15.35 -21.36 32.99
CA CYS E 82 14.65 -20.29 32.32
C CYS E 82 13.59 -19.70 33.24
N LYS E 83 13.70 -18.42 33.55
CA LYS E 83 12.74 -17.74 34.41
C LYS E 83 11.69 -17.01 33.59
N VAL E 84 10.43 -17.26 33.90
CA VAL E 84 9.32 -16.67 33.16
C VAL E 84 8.40 -15.82 34.05
N GLU E 85 8.20 -14.57 33.67
CA GLU E 85 7.23 -13.72 34.35
C GLU E 85 6.08 -13.42 33.41
N HIS E 86 4.86 -13.60 33.90
CA HIS E 86 3.66 -13.41 33.08
C HIS E 86 2.47 -13.02 33.94
N GLU E 87 1.56 -12.24 33.37
CA GLU E 87 0.43 -11.72 34.11
C GLU E 87 -0.53 -12.81 34.61
N THR E 88 -0.44 -14.00 34.03
CA THR E 88 -1.26 -15.12 34.48
C THR E 88 -0.62 -15.85 35.65
N LEU E 89 0.56 -15.37 36.06
CA LEU E 89 1.31 -15.99 37.15
C LEU E 89 1.49 -15.00 38.29
N LYS E 90 1.36 -15.48 39.53
CA LYS E 90 1.53 -14.63 40.70
C LYS E 90 3.00 -14.31 40.94
N GLU E 91 3.85 -15.32 40.81
CA GLU E 91 5.29 -15.12 40.88
C GLU E 91 5.96 -15.65 39.62
N PRO E 92 7.22 -15.28 39.39
CA PRO E 92 7.97 -15.84 38.26
C PRO E 92 8.11 -17.35 38.45
N GLN E 93 8.03 -18.11 37.36
CA GLN E 93 8.26 -19.54 37.42
C GLN E 93 9.61 -19.88 36.80
N VAL E 94 10.42 -20.65 37.51
CA VAL E 94 11.73 -21.03 37.03
C VAL E 94 11.75 -22.48 36.58
N TYR E 95 12.14 -22.70 35.33
CA TYR E 95 12.19 -24.06 34.78
C TYR E 95 13.64 -24.49 34.57
N LYS E 96 14.01 -25.61 35.17
CA LYS E 96 15.37 -26.12 35.07
C LYS E 96 15.66 -26.70 33.67
N TRP E 97 16.88 -26.53 33.21
CA TRP E 97 17.35 -27.25 32.04
C TRP E 97 17.81 -28.64 32.46
N ASP E 98 17.12 -29.66 31.94
CA ASP E 98 17.60 -31.02 32.09
C ASP E 98 18.15 -31.49 30.74
N PRO E 99 19.48 -31.52 30.61
CA PRO E 99 20.14 -31.91 29.36
C PRO E 99 19.62 -33.24 28.81
N GLU E 100 19.07 -34.08 29.69
CA GLU E 100 18.61 -35.40 29.29
C GLU E 100 17.10 -35.41 29.05
N ILE F 1 2.67 -12.54 -0.89
CA ILE F 1 2.78 -11.18 -0.37
C ILE F 1 1.73 -10.88 0.69
N ASP F 2 2.07 -9.97 1.60
CA ASP F 2 1.14 -9.47 2.61
C ASP F 2 0.17 -8.52 1.93
N TRP F 3 -1.00 -8.33 2.55
CA TRP F 3 -2.01 -7.43 2.00
C TRP F 3 -2.66 -6.62 3.13
N PHE F 4 -3.29 -5.50 2.77
CA PHE F 4 -3.80 -4.57 3.78
C PHE F 4 -5.22 -4.85 4.29
N ASP F 5 -5.43 -4.60 5.57
CA ASP F 5 -6.69 -4.88 6.23
C ASP F 5 -7.74 -3.83 5.90
N GLY F 6 -9.01 -4.24 5.94
CA GLY F 6 -10.10 -3.31 5.77
C GLY F 6 -10.30 -2.49 7.02
N LYS F 7 -10.78 -1.26 6.87
CA LYS F 7 -11.11 -0.42 8.00
C LYS F 7 -12.41 -0.93 8.63
N GLU F 8 -12.43 -1.04 9.95
CA GLU F 8 -13.60 -1.55 10.65
C GLU F 8 -14.49 -0.43 11.17
#